data_8TCC
#
_entry.id   8TCC
#
_cell.length_a   69.314
_cell.length_b   71.319
_cell.length_c   193.018
_cell.angle_alpha   90.000
_cell.angle_beta   90.000
_cell.angle_gamma   90.000
#
_symmetry.space_group_name_H-M   'P 21 21 21'
#
loop_
_entity.id
_entity.type
_entity.pdbx_description
1 polymer 'GTP cyclohydrolase FolE2'
2 non-polymer 'MANGANESE (II) ION'
3 non-polymer 1,2-ETHANEDIOL
4 non-polymer 'SULFITE ION'
5 non-polymer 'dehydrocostus lactone, bound form'
6 water water
#
_entity_poly.entity_id   1
_entity_poly.type   'polypeptide(L)'
_entity_poly.pdbx_seq_one_letter_code
;MGSSHHHHHHSSGLVPRGSHMASMTGGQQMGRGSMNLMNPEFAMPDVQSTVDTRQMPIQRVGVRAVRHPLTVRTAEGETQ
ATVGTWNLDVHLPADQKGTHMSRFVALLEERGGPLTADAFRTMLATMLEKLEARAGRIEVSFPYFVNKTAPVSGVRSLLD
YEVTLTGDVRDGLTRVFAKVLVPVTSLCP(SNC)SKKISQYGAHNQRSHVTIDAELAADVPVEDLIRIAEEEASCELWGL
LKRPDEKFVTERAYENPKFVEDLVRDVARRLDADERIVAYVLEAENFESIHNHSAYALIERDKRRGA
;
_entity_poly.pdbx_strand_id   A,B,C,D
#
loop_
_chem_comp.id
_chem_comp.type
_chem_comp.name
_chem_comp.formula
EDO non-polymer 1,2-ETHANEDIOL 'C2 H6 O2'
MN non-polymer 'MANGANESE (II) ION' 'Mn 2'
SO3 non-polymer 'SULFITE ION' 'O3 S -2'
ZS9 non-polymer 'dehydrocostus lactone, bound form' 'C15 H20 O2'
#
# COMPACT_ATOMS: atom_id res chain seq x y z
N GLN A 55 5.28 -29.47 19.01
CA GLN A 55 5.73 -29.84 20.34
C GLN A 55 6.30 -28.64 21.09
N MET A 56 6.08 -27.44 20.55
CA MET A 56 6.63 -26.22 21.12
C MET A 56 5.54 -25.15 21.19
N PRO A 57 5.70 -24.18 22.08
CA PRO A 57 4.66 -23.16 22.27
C PRO A 57 4.69 -22.14 21.14
N ILE A 58 3.49 -21.74 20.72
CA ILE A 58 3.36 -20.66 19.69
C ILE A 58 2.86 -19.45 20.47
N GLN A 59 3.73 -18.47 20.68
CA GLN A 59 3.40 -17.32 21.54
C GLN A 59 2.22 -16.55 20.97
N ARG A 60 2.20 -16.34 19.67
CA ARG A 60 0.97 -15.70 19.13
C ARG A 60 0.30 -16.63 18.12
N VAL A 61 -0.95 -17.01 18.36
CA VAL A 61 -1.76 -17.75 17.34
C VAL A 61 -3.08 -17.00 17.31
N GLY A 62 -3.59 -16.63 16.14
CA GLY A 62 -4.83 -15.86 16.16
C GLY A 62 -5.26 -15.30 14.82
N VAL A 63 -6.09 -14.26 14.86
CA VAL A 63 -6.64 -13.66 13.65
C VAL A 63 -5.91 -12.35 13.39
N ARG A 64 -5.94 -11.93 12.12
CA ARG A 64 -5.29 -10.71 11.68
C ARG A 64 -6.20 -10.03 10.67
N ALA A 65 -6.12 -8.69 10.63
CA ALA A 65 -6.82 -7.90 9.62
C ALA A 65 -8.33 -8.13 9.67
N VAL A 66 -8.89 -8.02 10.87
CA VAL A 66 -10.33 -8.13 11.06
C VAL A 66 -10.90 -6.71 11.08
N ARG A 67 -11.62 -6.34 10.01
CA ARG A 67 -12.22 -5.02 9.90
C ARG A 67 -13.64 -5.08 10.44
N HIS A 68 -13.92 -4.25 11.44
CA HIS A 68 -15.24 -4.24 12.06
C HIS A 68 -15.40 -2.89 12.76
N PRO A 69 -16.58 -2.28 12.71
CA PRO A 69 -16.72 -0.92 13.24
C PRO A 69 -16.39 -0.85 14.72
N LEU A 70 -16.20 0.38 15.21
CA LEU A 70 -15.83 0.59 16.60
C LEU A 70 -16.13 2.04 16.98
N THR A 71 -16.72 2.23 18.15
CA THR A 71 -16.97 3.55 18.71
C THR A 71 -16.02 3.78 19.88
N VAL A 72 -15.52 5.01 19.99
CA VAL A 72 -14.57 5.39 21.04
C VAL A 72 -15.13 6.60 21.77
N ARG A 73 -14.59 6.85 22.96
CA ARG A 73 -14.95 8.04 23.73
C ARG A 73 -13.82 8.42 24.70
N THR A 79 -18.02 11.10 22.39
CA THR A 79 -18.23 9.89 21.59
C THR A 79 -17.87 10.13 20.13
N GLN A 80 -17.39 9.08 19.46
CA GLN A 80 -16.95 9.18 18.07
C GLN A 80 -17.00 7.79 17.46
N ALA A 81 -17.72 7.64 16.36
CA ALA A 81 -17.81 6.37 15.66
C ALA A 81 -16.75 6.30 14.58
N THR A 82 -15.91 5.26 14.64
CA THR A 82 -14.87 5.04 13.63
C THR A 82 -14.94 3.61 13.12
N VAL A 83 -13.96 3.20 12.31
CA VAL A 83 -13.84 1.83 11.83
C VAL A 83 -12.42 1.37 12.13
N GLY A 84 -12.28 0.21 12.76
CA GLY A 84 -10.98 -0.25 13.22
C GLY A 84 -10.66 -1.65 12.72
N THR A 85 -9.37 -1.87 12.50
CA THR A 85 -8.85 -3.16 12.08
C THR A 85 -8.22 -3.86 13.29
N TRP A 86 -8.58 -5.12 13.50
CA TRP A 86 -8.23 -5.84 14.71
C TRP A 86 -7.21 -6.94 14.44
N ASN A 87 -6.39 -7.19 15.43
CA ASN A 87 -5.41 -8.30 15.35
C ASN A 87 -5.51 -8.95 16.72
N LEU A 88 -6.32 -9.99 16.85
CA LEU A 88 -6.55 -10.63 18.18
C LEU A 88 -5.82 -11.98 18.21
N ASP A 89 -5.01 -12.20 19.23
CA ASP A 89 -4.17 -13.43 19.25
C ASP A 89 -4.07 -13.99 20.67
N VAL A 90 -3.78 -15.28 20.78
CA VAL A 90 -3.62 -15.97 22.09
C VAL A 90 -2.39 -16.87 22.02
N HIS A 91 -1.80 -17.20 23.17
CA HIS A 91 -0.64 -18.12 23.22
C HIS A 91 -1.10 -19.58 23.35
N LEU A 92 -0.53 -20.47 22.55
CA LEU A 92 -0.84 -21.90 22.59
C LEU A 92 0.25 -22.65 23.34
N PRO A 93 -0.10 -23.46 24.33
CA PRO A 93 0.92 -24.24 25.04
C PRO A 93 1.62 -25.24 24.14
N ALA A 94 2.64 -25.93 24.67
CA ALA A 94 3.44 -26.84 23.87
C ALA A 94 2.74 -28.15 23.57
N ASP A 95 1.65 -28.48 24.27
CA ASP A 95 0.96 -29.75 24.09
C ASP A 95 -0.37 -29.64 23.36
N GLN A 96 -1.00 -28.47 23.37
CA GLN A 96 -2.22 -28.27 22.59
C GLN A 96 -1.87 -28.08 21.12
N LYS A 97 -2.90 -28.07 20.28
CA LYS A 97 -2.69 -28.03 18.84
C LYS A 97 -3.61 -27.09 18.07
N GLY A 98 -4.65 -26.54 18.69
CA GLY A 98 -5.57 -25.68 17.97
C GLY A 98 -6.21 -24.65 18.89
N THR A 99 -6.89 -23.69 18.27
CA THR A 99 -7.56 -22.63 18.99
C THR A 99 -8.87 -22.29 18.30
N HIS A 100 -9.81 -21.79 19.09
CA HIS A 100 -11.10 -21.34 18.56
C HIS A 100 -10.92 -19.96 17.94
N MET A 101 -10.35 -19.96 16.73
CA MET A 101 -10.24 -18.72 15.97
C MET A 101 -11.61 -18.13 15.66
N SER A 102 -12.64 -18.98 15.66
CA SER A 102 -14.00 -18.47 15.48
C SER A 102 -14.44 -17.62 16.65
N ARG A 103 -13.91 -17.90 17.85
CA ARG A 103 -14.27 -17.10 19.02
C ARG A 103 -13.76 -15.67 18.91
N PHE A 104 -12.53 -15.49 18.42
CA PHE A 104 -12.01 -14.14 18.20
C PHE A 104 -13.02 -13.28 17.46
N VAL A 105 -13.60 -13.84 16.40
CA VAL A 105 -14.62 -13.11 15.63
C VAL A 105 -15.89 -12.95 16.46
N ALA A 106 -16.33 -14.03 17.10
CA ALA A 106 -17.54 -13.97 17.90
C ALA A 106 -17.45 -12.90 18.98
N LEU A 107 -16.27 -12.73 19.56
CA LEU A 107 -16.06 -11.69 20.57
C LEU A 107 -16.41 -10.32 19.98
N LEU A 108 -15.62 -9.86 19.00
CA LEU A 108 -15.86 -8.58 18.37
C LEU A 108 -17.32 -8.43 17.96
N GLU A 109 -17.87 -9.45 17.30
CA GLU A 109 -19.23 -9.37 16.78
C GLU A 109 -20.27 -9.28 17.88
N GLU A 110 -19.93 -9.64 19.11
CA GLU A 110 -20.84 -9.57 20.23
C GLU A 110 -20.49 -8.47 21.23
N ARG A 111 -19.22 -8.15 21.40
CA ARG A 111 -18.83 -7.10 22.34
C ARG A 111 -19.46 -5.78 21.95
N GLY A 112 -19.53 -4.89 22.94
CA GLY A 112 -20.09 -3.56 22.67
C GLY A 112 -19.67 -2.52 23.69
N GLY A 113 -20.29 -1.35 23.62
CA GLY A 113 -19.98 -0.25 24.54
C GLY A 113 -18.95 0.68 23.92
N PRO A 114 -18.84 1.94 24.38
CA PRO A 114 -17.81 2.80 23.86
C PRO A 114 -16.53 2.12 24.29
N LEU A 115 -15.52 2.08 23.42
CA LEU A 115 -14.28 1.48 23.94
C LEU A 115 -13.83 2.42 25.05
N THR A 116 -13.47 1.86 26.19
CA THR A 116 -12.99 2.67 27.32
C THR A 116 -11.79 1.96 27.91
N ALA A 117 -10.89 2.73 28.50
CA ALA A 117 -9.78 2.05 29.19
C ALA A 117 -10.34 0.80 29.83
N ASP A 118 -11.47 0.91 30.53
CA ASP A 118 -11.94 -0.27 31.24
C ASP A 118 -12.54 -1.30 30.30
N ALA A 119 -13.28 -0.85 29.28
CA ALA A 119 -13.85 -1.79 28.32
C ALA A 119 -12.77 -2.51 27.53
N PHE A 120 -11.63 -1.85 27.29
CA PHE A 120 -10.53 -2.51 26.60
C PHE A 120 -9.87 -3.54 27.50
N ARG A 121 -9.75 -3.25 28.79
CA ARG A 121 -9.15 -4.21 29.71
C ARG A 121 -10.06 -5.42 29.93
N THR A 122 -11.38 -5.19 29.96
CA THR A 122 -12.31 -6.31 30.08
C THR A 122 -12.31 -7.16 28.82
N MET A 123 -12.25 -6.52 27.65
CA MET A 123 -12.25 -7.26 26.39
C MET A 123 -11.02 -8.15 26.27
N LEU A 124 -9.89 -7.73 26.82
CA LEU A 124 -8.72 -8.59 26.83
C LEU A 124 -8.94 -9.79 27.74
N ALA A 125 -9.63 -9.59 28.87
CA ALA A 125 -9.87 -10.69 29.79
C ALA A 125 -10.87 -11.69 29.23
N THR A 126 -12.02 -11.19 28.75
CA THR A 126 -13.02 -12.08 28.19
C THR A 126 -12.43 -12.99 27.12
N MET A 127 -11.53 -12.45 26.30
CA MET A 127 -10.89 -13.25 25.26
C MET A 127 -10.13 -14.43 25.86
N LEU A 128 -9.40 -14.19 26.95
CA LEU A 128 -8.55 -15.23 27.51
C LEU A 128 -9.37 -16.39 28.07
N GLU A 129 -10.61 -16.12 28.49
CA GLU A 129 -11.50 -17.20 28.91
C GLU A 129 -12.16 -17.87 27.71
N LYS A 130 -12.80 -17.07 26.85
CA LYS A 130 -13.44 -17.61 25.66
C LYS A 130 -12.49 -18.53 24.90
N LEU A 131 -11.21 -18.21 24.89
CA LEU A 131 -10.21 -19.02 24.22
C LEU A 131 -9.47 -19.94 25.18
N GLU A 132 -9.81 -19.91 26.47
CA GLU A 132 -9.18 -20.75 27.48
C GLU A 132 -7.66 -20.65 27.41
N ALA A 133 -7.16 -19.44 27.56
CA ALA A 133 -5.75 -19.15 27.38
C ALA A 133 -5.19 -18.40 28.58
N ARG A 134 -3.87 -18.29 28.61
CA ARG A 134 -3.16 -17.57 29.65
C ARG A 134 -2.39 -16.36 29.14
N ALA A 135 -2.31 -16.17 27.83
CA ALA A 135 -1.58 -15.03 27.27
C ALA A 135 -2.12 -14.73 25.88
N GLY A 136 -2.09 -13.45 25.52
CA GLY A 136 -2.59 -13.01 24.24
C GLY A 136 -2.49 -11.50 24.12
N ARG A 137 -2.98 -10.99 23.00
CA ARG A 137 -2.90 -9.56 22.73
C ARG A 137 -4.11 -9.12 21.91
N ILE A 138 -4.54 -7.88 22.15
CA ILE A 138 -5.65 -7.26 21.41
C ILE A 138 -5.12 -5.99 20.77
N GLU A 139 -5.05 -5.98 19.45
CA GLU A 139 -4.53 -4.85 18.68
C GLU A 139 -5.63 -4.28 17.81
N VAL A 140 -5.69 -2.95 17.73
CA VAL A 140 -6.70 -2.27 16.94
C VAL A 140 -6.10 -1.00 16.36
N SER A 141 -6.29 -0.81 15.05
CA SER A 141 -5.82 0.38 14.35
C SER A 141 -7.01 1.09 13.73
N PHE A 142 -7.27 2.32 14.17
CA PHE A 142 -8.46 3.04 13.76
C PHE A 142 -8.13 4.51 13.51
N PRO A 143 -8.92 5.19 12.68
CA PRO A 143 -8.72 6.62 12.49
C PRO A 143 -9.34 7.42 13.63
N TYR A 144 -8.62 8.46 14.06
CA TYR A 144 -9.08 9.34 15.11
C TYR A 144 -9.00 10.78 14.63
N PHE A 145 -10.06 11.54 14.88
CA PHE A 145 -10.16 12.93 14.44
C PHE A 145 -10.31 13.84 15.66
N VAL A 146 -9.96 15.11 15.47
CA VAL A 146 -9.98 16.10 16.55
C VAL A 146 -10.40 17.46 15.99
N ASN A 147 -11.48 18.03 16.52
CA ASN A 147 -11.94 19.34 16.09
C ASN A 147 -11.21 20.41 16.89
N LYS A 148 -10.28 21.10 16.24
CA LYS A 148 -9.48 22.12 16.88
C LYS A 148 -9.72 23.47 16.23
N THR A 149 -9.16 24.52 16.85
CA THR A 149 -9.40 25.90 16.38
C THR A 149 -8.20 26.46 15.61
N ALA A 150 -8.45 27.43 14.72
CA ALA A 150 -7.39 28.08 13.90
C ALA A 150 -6.53 28.99 14.78
N PRO A 151 -5.27 29.28 14.40
CA PRO A 151 -4.43 30.07 15.28
C PRO A 151 -5.01 31.47 15.51
N VAL A 152 -5.49 32.16 14.47
CA VAL A 152 -6.20 33.45 14.68
C VAL A 152 -7.60 33.41 14.08
N SER A 153 -7.81 32.54 13.09
CA SER A 153 -9.09 32.48 12.34
C SER A 153 -10.29 32.06 13.20
N GLY A 154 -10.12 31.12 14.12
CA GLY A 154 -11.27 30.57 14.86
C GLY A 154 -11.88 29.38 14.14
N VAL A 155 -11.25 28.93 13.06
CA VAL A 155 -11.72 27.71 12.36
C VAL A 155 -10.61 26.66 12.44
N SER A 157 -12.50 22.92 11.48
CA SER A 157 -11.54 22.02 10.84
C SER A 157 -11.24 20.82 11.72
N LEU A 158 -11.14 19.65 11.09
CA LEU A 158 -10.91 18.38 11.75
C LEU A 158 -9.69 17.71 11.14
N LEU A 159 -8.89 17.04 11.98
CA LEU A 159 -7.66 16.43 11.53
C LEU A 159 -7.65 14.94 11.83
N ASP A 160 -7.03 14.17 10.93
CA ASP A 160 -7.02 12.71 11.00
C ASP A 160 -5.71 12.25 11.62
N TYR A 161 -5.81 11.49 12.71
CA TYR A 161 -4.66 10.84 13.33
C TYR A 161 -4.97 9.37 13.49
N GLU A 162 -4.03 8.51 13.10
CA GLU A 162 -4.24 7.07 13.18
C GLU A 162 -3.71 6.55 14.51
N VAL A 163 -4.58 5.92 15.29
CA VAL A 163 -4.25 5.45 16.63
C VAL A 163 -4.14 3.93 16.61
N THR A 164 -3.32 3.39 17.51
CA THR A 164 -3.15 1.95 17.64
C THR A 164 -3.11 1.60 19.12
N LEU A 165 -4.17 0.96 19.60
CA LEU A 165 -4.29 0.54 20.99
C LEU A 165 -3.99 -0.96 21.08
N THR A 166 -3.00 -1.33 21.88
CA THR A 166 -2.57 -2.72 21.99
C THR A 166 -2.45 -3.13 23.44
N GLY A 167 -3.02 -4.30 23.77
CA GLY A 167 -2.97 -4.83 25.12
C GLY A 167 -2.61 -6.30 25.16
N ASP A 168 -1.53 -6.62 25.87
CA ASP A 168 -1.04 -8.02 25.88
C ASP A 168 -1.15 -8.59 27.29
N VAL A 169 -1.54 -9.86 27.40
CA VAL A 169 -1.61 -10.54 28.73
C VAL A 169 -0.52 -11.60 28.77
N ARG A 170 0.58 -11.25 29.41
CA ARG A 170 1.69 -12.20 29.52
C ARG A 170 2.16 -12.19 30.97
N ASP A 171 2.62 -13.34 31.46
CA ASP A 171 3.18 -13.36 32.83
C ASP A 171 2.32 -12.55 33.79
N GLY A 172 1.01 -12.81 33.78
CA GLY A 172 0.12 -12.09 34.70
C GLY A 172 0.34 -10.60 34.69
N LEU A 173 0.66 -10.04 33.53
CA LEU A 173 0.78 -8.59 33.47
C LEU A 173 0.04 -8.08 32.24
N THR A 174 -1.09 -7.39 32.46
CA THR A 174 -1.86 -6.79 31.38
C THR A 174 -1.28 -5.40 31.11
N ARG A 175 -0.35 -5.33 30.16
CA ARG A 175 0.27 -4.07 29.78
C ARG A 175 -0.52 -3.43 28.64
N VAL A 176 -0.88 -2.16 28.81
CA VAL A 176 -1.65 -1.42 27.83
C VAL A 176 -0.73 -0.42 27.14
N PHE A 177 -0.53 -0.62 25.84
CA PHE A 177 0.26 0.30 25.02
C PHE A 177 -0.68 1.09 24.10
N ALA A 178 -0.17 2.21 23.58
CA ALA A 178 -0.96 3.03 22.66
C ALA A 178 -0.02 3.84 21.80
N LYS A 179 -0.35 3.93 20.50
CA LYS A 179 0.44 4.65 19.52
C LYS A 179 -0.47 5.56 18.71
N VAL A 180 0.07 6.70 18.27
CA VAL A 180 -0.67 7.65 17.44
C VAL A 180 0.28 8.24 16.41
N LEU A 181 -0.13 8.24 15.14
CA LEU A 181 0.69 8.91 14.10
C LEU A 181 0.12 10.31 13.93
N VAL A 182 0.93 11.33 14.12
CA VAL A 182 0.40 12.71 14.09
C VAL A 182 1.02 13.47 12.92
N PRO A 183 0.22 14.11 12.05
CA PRO A 183 0.80 14.94 11.02
C PRO A 183 1.32 16.24 11.65
N VAL A 184 2.56 16.64 11.34
CA VAL A 184 3.20 17.86 11.94
C VAL A 184 4.07 18.53 10.87
N THR A 185 4.37 19.82 11.00
CA THR A 185 5.26 20.50 10.01
C THR A 185 6.68 20.71 10.56
N SER A 186 7.67 20.61 9.67
CA SER A 186 9.10 20.75 10.01
C SER A 186 9.80 21.73 9.07
N LEU A 187 10.84 22.43 9.54
CA LEU A 187 11.63 23.36 8.69
C LEU A 187 13.13 23.16 8.91
N CYS A 188 13.92 23.02 7.84
CA CYS A 188 15.36 22.71 7.96
C CYS A 188 16.11 23.84 8.65
N PRO A 189 17.09 23.55 9.52
CA PRO A 189 17.90 24.59 10.13
C PRO A 189 19.11 25.00 9.26
N SNC A 190 19.75 24.04 8.61
CA SNC A 190 20.93 24.34 7.73
CB SNC A 190 21.50 23.08 7.11
SG SNC A 190 23.06 22.50 7.82
ND SNC A 190 23.47 21.21 6.96
OE SNC A 190 22.70 20.88 6.04
C SNC A 190 20.47 25.34 6.69
O SNC A 190 21.03 26.43 6.65
N SER A 191 19.46 24.99 5.90
CA SER A 191 18.90 25.99 4.96
C SER A 191 18.51 27.20 5.80
N LYS A 192 18.29 28.36 5.18
CA LYS A 192 18.04 29.59 5.95
C LYS A 192 19.39 30.12 6.43
N LYS A 193 20.03 29.44 7.37
CA LYS A 193 21.38 29.90 7.77
C LYS A 193 22.32 29.78 6.58
N ILE A 194 22.25 28.66 5.85
CA ILE A 194 23.04 28.47 4.60
C ILE A 194 22.59 29.44 3.51
N SER A 195 21.30 29.81 3.46
CA SER A 195 20.82 30.58 2.29
C SER A 195 20.18 31.93 2.59
N GLN A 196 20.24 32.85 1.63
CA GLN A 196 19.53 34.15 1.74
C GLN A 196 18.05 33.89 1.59
N HIS A 200 12.03 24.96 2.26
CA HIS A 200 12.29 23.59 2.78
C HIS A 200 11.45 23.41 4.05
N ASN A 201 10.14 23.54 3.91
CA ASN A 201 9.21 23.35 5.06
C ASN A 201 8.28 22.21 4.69
N GLN A 202 8.77 20.97 4.80
CA GLN A 202 7.95 19.82 4.49
C GLN A 202 7.18 19.34 5.71
N ARG A 203 6.41 18.27 5.53
CA ARG A 203 5.62 17.67 6.59
C ARG A 203 6.30 16.41 7.11
N SER A 204 6.13 16.15 8.40
CA SER A 204 6.74 15.00 9.07
C SER A 204 5.67 14.20 9.80
N HIS A 205 5.98 12.92 10.02
CA HIS A 205 5.09 12.01 10.73
C HIS A 205 5.75 11.59 12.04
N VAL A 206 5.10 11.90 13.15
CA VAL A 206 5.61 11.61 14.48
C VAL A 206 4.79 10.45 15.07
N THR A 207 5.47 9.36 15.44
CA THR A 207 4.84 8.18 16.00
C THR A 207 5.25 8.04 17.46
N ILE A 208 4.26 8.04 18.35
CA ILE A 208 4.50 7.97 19.79
C ILE A 208 3.86 6.69 20.31
N ASP A 209 4.64 5.62 20.39
CA ASP A 209 4.20 4.38 21.01
C ASP A 209 4.54 4.44 22.49
N ALA A 210 3.52 4.61 23.32
CA ALA A 210 3.70 4.87 24.75
C ALA A 210 3.21 3.67 25.56
N GLU A 211 4.09 3.11 26.37
CA GLU A 211 3.66 2.13 27.37
C GLU A 211 3.03 2.88 28.54
N LEU A 212 1.80 2.50 28.87
CA LEU A 212 0.98 3.27 29.81
C LEU A 212 1.08 2.68 31.21
N ALA A 213 1.37 3.54 32.19
CA ALA A 213 1.23 3.19 33.59
C ALA A 213 -0.14 3.56 34.14
N ALA A 214 -0.74 4.59 33.57
CA ALA A 214 -2.11 4.94 33.97
C ALA A 214 -2.82 5.37 32.71
N ASP A 215 -4.12 5.62 32.78
CA ASP A 215 -4.84 5.92 31.52
C ASP A 215 -4.26 7.22 30.94
N VAL A 216 -4.10 7.28 29.62
CA VAL A 216 -3.55 8.49 28.95
C VAL A 216 -4.37 8.73 27.68
N PRO A 217 -5.05 9.88 27.53
CA PRO A 217 -5.78 10.18 26.30
C PRO A 217 -4.84 10.25 25.10
N VAL A 218 -5.37 9.93 23.93
CA VAL A 218 -4.57 10.04 22.71
C VAL A 218 -4.43 11.48 22.28
N GLU A 219 -5.45 12.31 22.53
CA GLU A 219 -5.39 13.72 22.16
C GLU A 219 -4.33 14.46 22.97
N ASP A 220 -4.02 13.98 24.17
CA ASP A 220 -2.91 14.53 24.93
C ASP A 220 -1.59 14.28 24.21
N LEU A 221 -1.38 13.06 23.74
CA LEU A 221 -0.18 12.75 22.97
C LEU A 221 -0.15 13.57 21.68
N ILE A 222 -1.29 13.69 21.00
CA ILE A 222 -1.35 14.52 19.81
C ILE A 222 -0.96 15.96 20.14
N ARG A 223 -1.37 16.44 21.31
CA ARG A 223 -1.02 17.80 21.71
C ARG A 223 0.48 17.93 21.96
N ILE A 224 1.11 16.90 22.51
CA ILE A 224 2.54 16.97 22.82
C ILE A 224 3.35 17.10 21.53
N ALA A 225 2.90 16.42 20.47
CA ALA A 225 3.66 16.45 19.22
C ALA A 225 3.46 17.76 18.46
N GLU A 226 2.22 18.24 18.39
CA GLU A 226 1.93 19.45 17.63
C GLU A 226 2.50 20.70 18.30
N GLU A 227 2.79 20.56 19.60
CA GLU A 227 3.30 21.68 20.41
C GLU A 227 4.83 21.73 20.40
N GLU A 228 5.48 20.73 19.80
CA GLU A 228 6.96 20.80 19.69
C GLU A 228 7.30 20.51 18.23
N ALA A 229 6.98 21.45 17.36
CA ALA A 229 7.20 21.29 15.91
C ALA A 229 7.27 22.69 15.31
N SER A 230 7.76 22.84 14.09
CA SER A 230 7.72 24.20 13.51
C SER A 230 6.28 24.64 13.41
N CYS A 231 5.37 23.73 13.04
CA CYS A 231 3.94 24.13 13.04
C CYS A 231 2.99 22.93 12.99
N GLU A 232 1.81 23.07 13.60
CA GLU A 232 0.77 22.03 13.59
C GLU A 232 0.06 22.06 12.25
N LEU A 233 -0.82 21.09 12.00
CA LEU A 233 -1.52 21.02 10.70
C LEU A 233 -3.01 21.33 10.87
N TRP A 234 -3.56 22.17 10.01
CA TRP A 234 -5.00 22.53 10.05
C TRP A 234 -5.61 22.25 8.67
N GLY A 235 -6.77 21.58 8.63
CA GLY A 235 -7.43 21.34 7.33
C GLY A 235 -7.86 22.63 6.66
N LEU A 236 -8.41 23.56 7.43
CA LEU A 236 -8.80 24.88 6.87
C LEU A 236 -7.95 25.95 7.56
N LEU A 237 -7.27 26.79 6.77
CA LEU A 237 -6.48 27.89 7.34
C LEU A 237 -6.71 29.12 6.48
N LYS A 238 -7.43 30.10 7.02
CA LYS A 238 -7.75 31.33 6.27
C LYS A 238 -6.44 31.94 5.83
N ARG A 239 -6.46 32.78 4.79
CA ARG A 239 -5.17 33.30 4.26
C ARG A 239 -4.44 34.07 5.37
N PRO A 240 -5.11 34.84 6.25
CA PRO A 240 -4.35 35.58 7.23
C PRO A 240 -3.57 34.59 8.10
N ASP A 241 -4.19 33.49 8.48
CA ASP A 241 -3.53 32.52 9.38
C ASP A 241 -2.30 31.98 8.67
N GLU A 242 -2.43 31.73 7.37
CA GLU A 242 -1.30 31.13 6.62
C GLU A 242 -0.05 31.91 7.00
N LYS A 243 -0.20 33.22 7.17
CA LYS A 243 1.04 33.98 7.43
C LYS A 243 1.62 33.43 8.73
N PHE A 244 0.84 33.48 9.81
CA PHE A 244 1.41 33.04 11.08
C PHE A 244 2.05 31.68 10.96
N VAL A 245 1.33 30.71 10.40
CA VAL A 245 1.87 29.35 10.29
C VAL A 245 3.15 29.37 9.48
N THR A 246 3.16 30.14 8.39
CA THR A 246 4.36 30.13 7.52
C THR A 246 5.50 30.84 8.26
N GLU A 247 5.20 31.87 9.04
CA GLU A 247 6.28 32.65 9.69
C GLU A 247 6.76 31.98 10.98
N ARG A 248 5.94 31.10 11.56
CA ARG A 248 6.35 30.38 12.79
C ARG A 248 7.56 29.48 12.52
N ALA A 249 7.59 28.83 11.37
CA ALA A 249 8.73 27.96 11.02
C ALA A 249 9.98 28.82 10.82
N TYR A 250 9.83 29.95 10.13
CA TYR A 250 10.98 30.83 9.86
C TYR A 250 11.66 31.19 11.18
N GLU A 251 10.86 31.34 12.23
CA GLU A 251 11.41 31.66 13.53
C GLU A 251 12.03 30.47 14.25
N ASN A 252 11.39 29.29 14.17
CA ASN A 252 11.79 28.10 14.91
C ASN A 252 12.19 27.00 13.94
N PRO A 253 13.39 27.07 13.36
CA PRO A 253 13.86 25.96 12.51
C PRO A 253 14.01 24.69 13.33
N LYS A 254 13.30 23.66 12.93
CA LYS A 254 13.26 22.38 13.65
C LYS A 254 13.96 21.31 12.84
N PHE A 255 15.06 20.79 13.38
CA PHE A 255 15.73 19.64 12.80
C PHE A 255 15.11 18.36 13.34
N VAL A 256 14.79 17.43 12.44
CA VAL A 256 14.25 16.14 12.87
C VAL A 256 15.07 15.58 14.03
N GLU A 257 16.39 15.76 13.97
CA GLU A 257 17.25 15.28 15.05
C GLU A 257 16.90 15.92 16.39
N ASP A 258 16.32 17.11 16.37
CA ASP A 258 15.98 17.84 17.59
C ASP A 258 14.55 17.62 18.04
N LEU A 259 13.60 17.59 17.10
CA LEU A 259 12.20 17.41 17.46
C LEU A 259 12.01 16.18 18.34
N VAL A 260 12.66 15.06 17.96
CA VAL A 260 12.60 13.87 18.80
C VAL A 260 13.13 14.19 20.18
N ARG A 261 14.30 14.78 20.25
CA ARG A 261 14.92 15.08 21.56
C ARG A 261 13.88 15.85 22.36
N ASP A 262 13.33 16.91 21.77
CA ASP A 262 12.39 17.77 22.52
C ASP A 262 11.14 16.98 22.88
N VAL A 263 10.62 16.16 21.98
CA VAL A 263 9.32 15.51 22.28
C VAL A 263 9.53 14.54 23.43
N ALA A 264 10.56 13.73 23.34
CA ALA A 264 10.85 12.73 24.38
C ALA A 264 10.87 13.43 25.71
N ARG A 265 11.39 14.65 25.74
CA ARG A 265 11.55 15.28 27.05
C ARG A 265 10.16 15.42 27.66
N ARG A 266 9.14 15.77 26.88
CA ARG A 266 7.81 15.81 27.51
C ARG A 266 7.40 14.43 28.01
N LEU A 267 7.66 13.37 27.27
CA LEU A 267 7.26 12.05 27.81
C LEU A 267 8.23 11.64 28.90
N ASP A 268 9.51 12.00 28.76
CA ASP A 268 10.52 11.53 29.73
C ASP A 268 10.13 12.07 31.09
N ASP A 270 7.01 12.94 31.79
CA ASP A 270 5.67 12.37 32.13
C ASP A 270 5.85 11.00 32.76
N GLU A 271 5.05 10.70 33.77
CA GLU A 271 5.19 9.44 34.53
C GLU A 271 3.99 8.56 34.22
N ARG A 272 3.00 9.13 33.53
CA ARG A 272 1.89 8.26 33.08
C ARG A 272 2.48 7.34 32.01
N ILE A 273 3.72 7.63 31.59
CA ILE A 273 4.33 6.83 30.54
C ILE A 273 5.66 6.32 31.08
N VAL A 274 5.73 5.01 31.35
CA VAL A 274 6.95 4.43 31.87
C VAL A 274 7.97 4.19 30.76
N ALA A 275 7.44 3.82 29.58
CA ALA A 275 8.34 3.52 28.45
C ALA A 275 7.70 3.96 27.13
N TYR A 276 8.52 4.13 26.09
CA TYR A 276 7.97 4.64 24.81
C TYR A 276 8.91 4.41 23.64
N VAL A 277 8.40 4.51 22.42
CA VAL A 277 9.24 4.44 21.19
C VAL A 277 8.75 5.59 20.31
N LEU A 278 9.53 6.68 20.21
CA LEU A 278 9.07 7.87 19.47
C LEU A 278 9.90 8.04 18.21
N GLU A 279 9.23 8.16 17.07
CA GLU A 279 9.92 8.24 15.78
C GLU A 279 9.47 9.47 15.02
N ALA A 280 10.40 10.19 14.41
CA ALA A 280 10.02 11.34 13.57
C ALA A 280 10.48 11.05 12.15
N GLU A 281 9.58 11.18 11.18
CA GLU A 281 9.94 10.93 9.75
C GLU A 281 9.65 12.16 8.92
N ASN A 282 10.67 12.69 8.26
CA ASN A 282 10.48 13.94 7.48
C ASN A 282 10.48 13.58 6.00
N PHE A 283 9.57 14.18 5.26
CA PHE A 283 9.48 13.90 3.81
C PHE A 283 10.19 15.02 3.07
N GLU A 284 11.53 15.00 3.12
CA GLU A 284 12.36 16.08 2.52
C GLU A 284 11.81 16.56 1.18
N HIS A 287 14.58 16.06 -1.66
CA HIS A 287 14.99 14.66 -1.93
C HIS A 287 13.76 13.77 -2.03
N ASN A 288 13.91 12.57 -2.59
CA ASN A 288 12.80 11.57 -2.63
C ASN A 288 13.03 10.59 -1.48
N HIS A 289 14.03 10.86 -0.64
CA HIS A 289 14.28 10.01 0.55
C HIS A 289 13.52 10.58 1.74
N SER A 290 13.86 10.10 2.93
CA SER A 290 13.17 10.60 4.14
C SER A 290 14.18 10.68 5.29
N ALA A 291 13.90 11.54 6.28
CA ALA A 291 14.78 11.63 7.46
C ALA A 291 14.03 11.03 8.64
N TYR A 292 14.62 10.04 9.31
CA TYR A 292 13.91 9.33 10.39
C TYR A 292 14.71 9.36 11.68
N ALA A 293 14.07 9.69 12.80
CA ALA A 293 14.76 9.57 14.11
C ALA A 293 13.85 8.76 15.04
N LEU A 294 14.40 7.77 15.74
CA LEU A 294 13.61 7.03 16.77
C LEU A 294 14.36 7.05 18.09
N ILE A 295 13.66 7.29 19.19
CA ILE A 295 14.30 7.21 20.54
C ILE A 295 13.42 6.32 21.41
N GLU A 296 13.94 5.18 21.85
CA GLU A 296 13.17 4.29 22.77
C GLU A 296 13.57 4.61 24.21
N ARG A 297 12.94 3.95 25.19
CA ARG A 297 13.23 4.33 26.60
C ARG A 297 12.71 3.29 27.61
N ASP A 298 12.66 3.67 28.90
CA ASP A 298 12.17 2.80 29.99
C ASP A 298 11.92 3.64 31.23
N MET B 56 -21.26 -13.80 -24.45
CA MET B 56 -20.82 -12.41 -24.33
C MET B 56 -19.33 -12.29 -24.58
N PRO B 57 -18.86 -11.19 -25.21
CA PRO B 57 -17.44 -10.96 -25.37
C PRO B 57 -16.85 -10.14 -24.21
N ILE B 58 -15.70 -10.57 -23.70
CA ILE B 58 -15.02 -9.86 -22.58
C ILE B 58 -13.82 -9.10 -23.12
N GLN B 59 -13.78 -7.79 -22.92
CA GLN B 59 -12.66 -6.94 -23.39
C GLN B 59 -11.33 -7.41 -22.82
N ARG B 60 -11.13 -7.38 -21.50
CA ARG B 60 -9.81 -7.82 -21.01
C ARG B 60 -9.91 -9.05 -20.11
N VAL B 61 -9.17 -10.12 -20.42
CA VAL B 61 -9.06 -11.30 -19.51
C VAL B 61 -7.58 -11.65 -19.46
N GLY B 62 -7.01 -11.92 -18.29
CA GLY B 62 -5.55 -12.16 -18.28
C GLY B 62 -4.90 -12.28 -16.93
N VAL B 63 -3.57 -12.33 -16.91
CA VAL B 63 -2.81 -12.38 -15.65
C VAL B 63 -2.69 -10.99 -15.05
N ARG B 64 -2.31 -10.90 -13.78
CA ARG B 64 -2.13 -9.62 -13.10
C ARG B 64 -1.10 -9.78 -12.00
N ALA B 65 -0.22 -8.78 -11.87
CA ALA B 65 0.73 -8.70 -10.76
C ALA B 65 1.84 -9.74 -10.87
N VAL B 66 2.28 -10.05 -12.08
CA VAL B 66 3.42 -10.94 -12.28
C VAL B 66 4.70 -10.12 -12.18
N ARG B 67 5.56 -10.46 -11.23
CA ARG B 67 6.84 -9.79 -11.06
C ARG B 67 7.91 -10.57 -11.82
N HIS B 68 8.61 -9.88 -12.73
CA HIS B 68 9.64 -10.52 -13.53
C HIS B 68 10.70 -9.49 -13.92
N PRO B 69 11.97 -9.72 -13.59
CA PRO B 69 13.00 -8.73 -13.89
C PRO B 69 13.06 -8.37 -15.37
N LEU B 70 13.43 -7.12 -15.64
CA LEU B 70 13.49 -6.61 -17.01
C LEU B 70 14.63 -5.62 -17.13
N THR B 71 15.03 -5.36 -18.38
CA THR B 71 16.07 -4.39 -18.70
C THR B 71 15.50 -3.34 -19.64
N VAL B 72 15.87 -2.08 -19.41
CA VAL B 72 15.30 -0.96 -20.14
C VAL B 72 16.41 -0.13 -20.77
N ARG B 73 16.10 0.50 -21.90
CA ARG B 73 17.06 1.29 -22.66
C ARG B 73 17.06 2.73 -22.20
N THR B 74 18.24 3.23 -21.84
CA THR B 74 18.40 4.63 -21.49
C THR B 74 18.73 5.45 -22.74
N ALA B 75 18.36 6.74 -22.70
CA ALA B 75 18.54 7.61 -23.85
C ALA B 75 19.91 7.45 -24.50
N GLU B 76 20.96 7.61 -23.71
CA GLU B 76 22.32 7.48 -24.23
C GLU B 76 22.52 6.19 -25.00
N GLY B 77 21.74 5.16 -24.66
CA GLY B 77 21.91 3.83 -25.22
C GLY B 77 22.33 2.80 -24.20
N GLU B 78 22.72 3.22 -22.99
CA GLU B 78 23.05 2.28 -21.94
C GLU B 78 21.79 1.55 -21.48
N THR B 79 22.01 0.45 -20.76
CA THR B 79 20.93 -0.39 -20.28
C THR B 79 20.75 -0.22 -18.78
N GLN B 80 19.58 -0.61 -18.28
CA GLN B 80 19.23 -0.44 -16.89
C GLN B 80 18.45 -1.65 -16.41
N ALA B 81 18.86 -2.20 -15.27
CA ALA B 81 18.19 -3.37 -14.70
C ALA B 81 17.15 -2.91 -13.68
N THR B 82 15.95 -3.48 -13.78
CA THR B 82 14.88 -3.19 -12.84
C THR B 82 14.00 -4.42 -12.71
N VAL B 83 12.99 -4.32 -11.85
CA VAL B 83 12.00 -5.37 -11.66
C VAL B 83 10.63 -4.73 -11.86
N GLY B 84 9.85 -5.29 -12.79
CA GLY B 84 8.56 -4.71 -13.11
C GLY B 84 7.39 -5.62 -12.82
N THR B 85 6.20 -5.04 -12.68
CA THR B 85 4.98 -5.79 -12.44
C THR B 85 4.18 -5.80 -13.74
N TRP B 86 4.13 -6.97 -14.39
CA TRP B 86 3.54 -7.11 -15.71
C TRP B 86 2.09 -7.56 -15.62
N ASN B 87 1.22 -6.91 -16.39
CA ASN B 87 -0.21 -7.24 -16.46
C ASN B 87 -0.56 -7.53 -17.92
N LEU B 88 -0.66 -8.82 -18.25
CA LEU B 88 -0.86 -9.26 -19.62
C LEU B 88 -2.29 -9.81 -19.78
N ASP B 89 -3.05 -9.26 -20.72
CA ASP B 89 -4.46 -9.59 -20.87
C ASP B 89 -4.86 -9.55 -22.34
N VAL B 90 -5.98 -10.22 -22.66
CA VAL B 90 -6.46 -10.37 -24.02
C VAL B 90 -7.97 -10.11 -24.05
N HIS B 91 -8.52 -10.11 -25.26
CA HIS B 91 -9.96 -10.02 -25.50
C HIS B 91 -10.51 -11.40 -25.81
N LEU B 92 -11.55 -11.81 -25.09
CA LEU B 92 -12.09 -13.15 -25.25
C LEU B 92 -13.43 -13.09 -25.97
N PRO B 93 -13.53 -13.67 -27.16
CA PRO B 93 -14.82 -13.64 -27.87
C PRO B 93 -15.82 -14.59 -27.25
N ALA B 94 -17.10 -14.37 -27.54
CA ALA B 94 -18.17 -15.24 -26.99
C ALA B 94 -18.00 -16.65 -27.55
N ASP B 95 -17.29 -16.77 -28.67
CA ASP B 95 -17.06 -18.09 -29.31
C ASP B 95 -16.25 -19.03 -28.42
N GLN B 96 -15.21 -18.54 -27.74
CA GLN B 96 -14.33 -19.47 -26.97
C GLN B 96 -14.36 -19.21 -25.48
N LYS B 97 -14.73 -20.22 -24.70
CA LYS B 97 -14.74 -20.11 -23.21
C LYS B 97 -13.37 -19.95 -22.55
N GLY B 98 -12.36 -20.69 -22.99
CA GLY B 98 -11.11 -20.63 -22.21
C GLY B 98 -9.87 -20.06 -22.84
N THR B 99 -9.30 -19.02 -22.22
CA THR B 99 -7.99 -18.49 -22.66
C THR B 99 -6.93 -19.42 -22.11
N HIS B 100 -5.75 -19.46 -22.73
CA HIS B 100 -4.68 -20.23 -22.04
C HIS B 100 -3.93 -19.17 -21.25
N MET B 101 -4.22 -19.06 -19.95
CA MET B 101 -3.57 -18.05 -19.08
C MET B 101 -2.09 -18.38 -19.00
N SER B 102 -1.78 -19.66 -18.89
CA SER B 102 -0.37 -20.06 -18.71
C SER B 102 0.48 -19.29 -19.71
N ARG B 103 0.15 -19.43 -20.99
CA ARG B 103 0.98 -18.80 -22.04
C ARG B 103 1.43 -17.42 -21.56
N PHE B 104 0.52 -16.66 -20.96
CA PHE B 104 0.89 -15.31 -20.57
C PHE B 104 2.21 -15.31 -19.82
N VAL B 105 2.35 -16.21 -18.84
CA VAL B 105 3.60 -16.30 -18.10
C VAL B 105 4.72 -16.82 -18.99
N ALA B 106 4.39 -17.69 -19.95
CA ALA B 106 5.41 -18.21 -20.84
C ALA B 106 5.99 -17.11 -21.73
N LEU B 107 5.16 -16.18 -22.19
CA LEU B 107 5.65 -15.09 -23.02
C LEU B 107 6.68 -14.25 -22.28
N LEU B 108 6.58 -14.13 -20.96
CA LEU B 108 7.50 -13.24 -20.23
C LEU B 108 8.82 -13.99 -20.01
N GLU B 109 8.73 -15.25 -19.59
CA GLU B 109 9.95 -16.08 -19.40
C GLU B 109 10.65 -16.31 -20.73
N GLU B 110 9.88 -16.57 -21.80
CA GLU B 110 10.50 -16.72 -23.15
C GLU B 110 10.65 -15.34 -23.79
N ARG B 111 11.53 -14.51 -23.24
CA ARG B 111 11.79 -13.17 -23.82
C ARG B 111 13.31 -12.96 -23.85
N GLY B 112 13.81 -12.25 -24.85
CA GLY B 112 15.25 -11.93 -24.87
C GLY B 112 15.57 -10.46 -25.05
N GLY B 113 16.45 -9.91 -24.22
CA GLY B 113 16.92 -8.53 -24.43
C GLY B 113 16.12 -7.39 -23.85
N PRO B 114 16.54 -6.14 -24.11
CA PRO B 114 15.88 -4.94 -23.56
C PRO B 114 14.49 -4.61 -24.13
N LEU B 115 13.64 -4.02 -23.29
CA LEU B 115 12.30 -3.60 -23.74
C LEU B 115 12.48 -2.31 -24.54
N THR B 116 12.67 -2.46 -25.84
CA THR B 116 12.80 -1.28 -26.73
C THR B 116 11.44 -1.05 -27.38
N ALA B 117 11.36 -0.09 -28.29
CA ALA B 117 10.10 0.25 -28.94
C ALA B 117 9.64 -0.86 -29.87
N ASP B 118 10.58 -1.50 -30.58
CA ASP B 118 10.21 -2.61 -31.45
C ASP B 118 10.03 -3.90 -30.65
N ALA B 119 10.86 -4.12 -29.64
CA ALA B 119 10.70 -5.30 -28.80
C ALA B 119 9.38 -5.27 -28.04
N PHE B 120 8.89 -4.07 -27.70
CA PHE B 120 7.59 -3.97 -27.05
C PHE B 120 6.46 -4.33 -27.99
N ARG B 121 6.54 -3.90 -29.25
CA ARG B 121 5.53 -4.26 -30.24
C ARG B 121 5.67 -5.72 -30.64
N THR B 122 6.91 -6.23 -30.69
CA THR B 122 7.11 -7.64 -30.99
C THR B 122 6.46 -8.51 -29.92
N MET B 123 6.82 -8.29 -28.65
CA MET B 123 6.16 -8.99 -27.56
C MET B 123 4.65 -8.91 -27.69
N LEU B 124 4.12 -7.69 -27.76
CA LEU B 124 2.68 -7.49 -27.93
C LEU B 124 2.12 -8.45 -28.98
N ALA B 125 2.72 -8.46 -30.16
CA ALA B 125 2.23 -9.30 -31.24
C ALA B 125 2.47 -10.77 -30.95
N THR B 126 3.72 -11.13 -30.63
CA THR B 126 4.05 -12.53 -30.34
C THR B 126 3.05 -13.14 -29.36
N MET B 127 2.61 -12.35 -28.37
CA MET B 127 1.61 -12.84 -27.43
C MET B 127 0.25 -12.99 -28.10
N LEU B 128 -0.05 -12.15 -29.10
CA LEU B 128 -1.32 -12.28 -29.81
C LEU B 128 -1.37 -13.59 -30.60
N GLU B 129 -0.25 -14.00 -31.19
CA GLU B 129 -0.23 -15.26 -31.93
C GLU B 129 -0.19 -16.46 -31.00
N LYS B 130 0.54 -16.36 -29.89
CA LYS B 130 0.61 -17.47 -28.95
C LYS B 130 -0.73 -17.71 -28.26
N LEU B 131 -1.51 -16.65 -28.03
CA LEU B 131 -2.80 -16.76 -27.38
C LEU B 131 -3.96 -16.90 -28.37
N GLU B 132 -3.70 -16.72 -29.66
CA GLU B 132 -4.72 -16.82 -30.70
C GLU B 132 -5.90 -15.88 -30.41
N ALA B 133 -5.59 -14.59 -30.40
CA ALA B 133 -6.57 -13.56 -30.15
C ALA B 133 -6.38 -12.44 -31.17
N ARG B 134 -7.36 -11.55 -31.24
CA ARG B 134 -7.33 -10.40 -32.12
C ARG B 134 -7.21 -9.08 -31.38
N ALA B 135 -7.12 -9.10 -30.05
CA ALA B 135 -6.98 -7.89 -29.25
C ALA B 135 -6.35 -8.26 -27.91
N GLY B 136 -5.67 -7.29 -27.31
CA GLY B 136 -5.03 -7.53 -26.03
C GLY B 136 -4.17 -6.35 -25.63
N ARG B 137 -3.76 -6.35 -24.36
CA ARG B 137 -2.99 -5.27 -23.75
C ARG B 137 -1.86 -5.86 -22.91
N ILE B 138 -0.75 -5.12 -22.88
CA ILE B 138 0.41 -5.47 -22.07
C ILE B 138 0.88 -4.22 -21.34
N GLU B 139 0.91 -4.28 -20.01
CA GLU B 139 1.31 -3.16 -19.17
C GLU B 139 2.38 -3.62 -18.18
N VAL B 140 3.43 -2.82 -18.02
CA VAL B 140 4.50 -3.11 -17.07
C VAL B 140 4.89 -1.80 -16.39
N SER B 141 5.06 -1.85 -15.07
CA SER B 141 5.45 -0.70 -14.27
C SER B 141 6.78 -1.00 -13.59
N PHE B 142 7.78 -0.16 -13.84
CA PHE B 142 9.12 -0.44 -13.35
C PHE B 142 9.76 0.82 -12.78
N PRO B 143 10.55 0.68 -11.72
CA PRO B 143 11.33 1.82 -11.25
C PRO B 143 12.43 2.18 -12.23
N TYR B 144 12.59 3.48 -12.47
CA TYR B 144 13.61 4.01 -13.37
C TYR B 144 14.53 4.94 -12.61
N PHE B 145 15.79 4.97 -13.03
CA PHE B 145 16.80 5.77 -12.28
C PHE B 145 17.63 6.61 -13.24
N VAL B 146 18.04 7.80 -12.80
CA VAL B 146 18.86 8.72 -13.63
C VAL B 146 20.00 9.28 -12.78
N ASN B 147 21.25 9.15 -13.24
CA ASN B 147 22.43 9.71 -12.54
C ASN B 147 22.43 11.22 -12.70
N LYS B 148 21.80 11.95 -11.77
CA LYS B 148 21.66 13.41 -11.94
C LYS B 148 22.92 14.10 -11.45
N THR B 149 22.98 15.43 -11.61
CA THR B 149 24.16 16.22 -11.16
C THR B 149 23.66 17.33 -10.23
N ALA B 150 24.15 17.33 -9.00
CA ALA B 150 23.76 18.34 -8.03
C ALA B 150 23.95 19.74 -8.62
N PRO B 151 23.09 20.70 -8.25
CA PRO B 151 23.11 22.01 -8.93
C PRO B 151 24.48 22.67 -8.99
N VAL B 152 25.19 22.80 -7.88
CA VAL B 152 26.42 23.58 -7.84
C VAL B 152 27.67 22.73 -7.64
N SER B 153 27.59 21.64 -6.88
CA SER B 153 28.78 20.89 -6.51
C SER B 153 29.13 19.77 -7.48
N GLY B 154 28.19 19.35 -8.33
CA GLY B 154 28.45 18.28 -9.25
C GLY B 154 28.43 16.89 -8.66
N VAL B 155 28.22 16.75 -7.35
CA VAL B 155 28.01 15.44 -6.78
C VAL B 155 26.80 14.80 -7.46
N ARG B 156 26.86 13.49 -7.64
CA ARG B 156 25.84 12.77 -8.38
C ARG B 156 24.93 11.99 -7.44
N SER B 157 23.78 11.58 -7.98
CA SER B 157 22.79 10.83 -7.24
C SER B 157 21.78 10.26 -8.22
N LEU B 158 21.29 9.07 -7.93
CA LEU B 158 20.25 8.43 -8.73
C LEU B 158 18.89 8.82 -8.16
N LEU B 159 17.95 9.14 -9.04
CA LEU B 159 16.60 9.48 -8.62
C LEU B 159 15.62 8.41 -9.07
N ASP B 160 14.58 8.20 -8.26
CA ASP B 160 13.62 7.13 -8.48
C ASP B 160 12.42 7.68 -9.27
N TYR B 161 12.17 7.09 -10.43
CA TYR B 161 11.02 7.44 -11.25
C TYR B 161 10.17 6.18 -11.47
N GLU B 162 8.86 6.37 -11.51
CA GLU B 162 7.91 5.28 -11.71
C GLU B 162 7.37 5.36 -13.14
N VAL B 163 7.71 4.37 -13.95
CA VAL B 163 7.36 4.35 -15.36
C VAL B 163 6.43 3.17 -15.61
N THR B 164 5.25 3.45 -16.15
CA THR B 164 4.28 2.43 -16.54
C THR B 164 4.14 2.45 -18.05
N LEU B 165 4.55 1.37 -18.71
CA LEU B 165 4.53 1.29 -20.17
C LEU B 165 3.37 0.40 -20.59
N THR B 166 2.41 0.98 -21.30
CA THR B 166 1.20 0.28 -21.73
C THR B 166 1.22 0.09 -23.24
N GLY B 167 0.72 -1.06 -23.69
CA GLY B 167 0.63 -1.37 -25.10
C GLY B 167 -0.63 -2.12 -25.43
N ASP B 168 -1.30 -1.75 -26.52
CA ASP B 168 -2.63 -2.28 -26.81
C ASP B 168 -2.79 -2.48 -28.31
N VAL B 169 -3.04 -3.73 -28.71
CA VAL B 169 -3.45 -4.06 -30.08
C VAL B 169 -4.95 -4.26 -30.07
N ARG B 170 -5.65 -3.53 -30.95
CA ARG B 170 -7.11 -3.68 -31.04
C ARG B 170 -7.56 -3.18 -32.40
N ASP B 171 -8.15 -4.07 -33.21
CA ASP B 171 -8.67 -3.72 -34.52
C ASP B 171 -7.57 -3.36 -35.51
N GLY B 172 -6.42 -4.01 -35.39
CA GLY B 172 -5.30 -3.75 -36.27
C GLY B 172 -4.44 -2.56 -35.89
N LEU B 173 -4.96 -1.64 -35.08
CA LEU B 173 -4.22 -0.46 -34.66
C LEU B 173 -3.57 -0.75 -33.31
N THR B 174 -2.24 -0.68 -33.27
CA THR B 174 -1.49 -0.91 -32.03
C THR B 174 -1.19 0.45 -31.40
N ARG B 175 -1.89 0.75 -30.31
CA ARG B 175 -1.64 1.96 -29.53
C ARG B 175 -0.63 1.68 -28.43
N VAL B 176 0.24 2.66 -28.18
CA VAL B 176 1.32 2.54 -27.20
C VAL B 176 1.35 3.80 -26.35
N PHE B 177 1.33 3.63 -25.04
CA PHE B 177 1.30 4.73 -24.08
C PHE B 177 2.52 4.66 -23.17
N ALA B 178 2.80 5.79 -22.51
CA ALA B 178 3.89 5.88 -21.56
C ALA B 178 3.50 6.85 -20.46
N LYS B 179 3.66 6.42 -19.20
CA LYS B 179 3.28 7.25 -18.03
C LYS B 179 4.51 7.39 -17.16
N VAL B 180 4.75 8.58 -16.66
CA VAL B 180 5.88 8.75 -15.72
C VAL B 180 5.43 9.59 -14.53
N LEU B 181 5.92 9.23 -13.35
CA LEU B 181 5.65 10.06 -12.16
C LEU B 181 6.98 10.71 -11.85
N VAL B 182 6.99 12.04 -11.80
CA VAL B 182 8.27 12.76 -11.62
C VAL B 182 8.21 13.46 -10.27
N PRO B 183 9.19 13.23 -9.37
CA PRO B 183 9.11 13.77 -8.03
C PRO B 183 9.68 15.18 -8.08
N VAL B 184 8.90 16.17 -7.68
CA VAL B 184 9.37 17.57 -7.85
C VAL B 184 9.04 18.37 -6.58
N THR B 185 9.46 19.63 -6.56
CA THR B 185 9.17 20.51 -5.41
C THR B 185 8.22 21.60 -5.86
N SER B 186 7.37 22.06 -4.96
CA SER B 186 6.44 23.16 -5.27
C SER B 186 6.46 24.16 -4.12
N LEU B 187 6.19 25.43 -4.42
CA LEU B 187 6.10 26.47 -3.37
C LEU B 187 5.07 27.49 -3.83
N CYS B 188 4.70 28.27 -2.79
CA CYS B 188 3.47 28.82 -2.71
C CYS B 188 3.50 30.19 -3.26
N PRO B 189 2.78 30.44 -4.39
CA PRO B 189 2.71 31.80 -4.89
C PRO B 189 1.54 32.50 -4.18
N SNC B 190 1.48 32.28 -2.86
CA SNC B 190 0.48 32.99 -2.00
CB SNC B 190 -0.79 32.18 -1.84
C SNC B 190 1.12 33.19 -0.63
O SNC B 190 1.03 34.30 -0.11
N SER B 191 1.71 32.16 -0.06
CA SER B 191 2.37 32.25 1.28
C SER B 191 3.57 33.21 1.27
N LYS B 192 4.38 33.24 0.21
CA LYS B 192 5.65 34.03 0.20
C LYS B 192 5.44 35.52 0.45
N LYS B 193 4.71 36.20 -0.43
CA LYS B 193 4.51 37.65 -0.35
C LYS B 193 3.63 38.00 0.85
N ILE B 194 2.50 37.31 0.98
CA ILE B 194 1.57 37.58 2.09
C ILE B 194 2.27 37.52 3.43
N SER B 195 3.30 36.68 3.56
CA SER B 195 4.03 36.52 4.80
C SER B 195 5.29 37.38 4.79
N GLN B 196 5.70 37.80 5.98
CA GLN B 196 6.94 38.56 6.10
C GLN B 196 8.13 37.72 5.67
N TYR B 197 8.24 36.50 6.18
CA TYR B 197 9.32 35.59 5.83
C TYR B 197 8.78 34.17 5.76
N GLY B 198 9.61 33.29 5.21
CA GLY B 198 9.23 31.86 5.18
C GLY B 198 8.37 31.52 3.98
N ALA B 199 8.48 30.27 3.52
CA ALA B 199 7.63 29.82 2.41
C ALA B 199 7.09 28.45 2.76
N HIS B 200 5.87 28.14 2.33
CA HIS B 200 5.34 26.76 2.52
C HIS B 200 5.75 25.97 1.27
N GLN B 202 6.58 22.20 -0.42
CA GLN B 202 6.27 20.78 -0.24
C GLN B 202 6.68 20.04 -1.51
N ARG B 203 6.93 18.85 -1.50
CA ARG B 203 7.30 18.00 -2.66
C ARG B 203 6.02 17.70 -3.42
N SER B 204 6.11 17.53 -4.73
CA SER B 204 4.90 17.12 -5.47
C SER B 204 5.24 16.02 -6.45
N HIS B 205 4.22 15.33 -6.97
CA HIS B 205 4.43 14.30 -8.02
C HIS B 205 3.72 14.75 -9.29
N VAL B 206 4.42 14.75 -10.43
CA VAL B 206 3.81 15.11 -11.75
C VAL B 206 3.67 13.83 -12.56
N THR B 207 2.48 13.52 -13.02
CA THR B 207 2.24 12.29 -13.78
C THR B 207 1.84 12.65 -15.20
N ILE B 208 2.56 12.10 -16.17
CA ILE B 208 2.32 12.36 -17.59
C ILE B 208 2.14 11.01 -18.27
N ASP B 209 0.88 10.62 -18.49
CA ASP B 209 0.55 9.45 -19.30
C ASP B 209 0.25 9.94 -20.71
N ALA B 210 1.12 9.60 -21.66
CA ALA B 210 1.08 10.17 -23.00
C ALA B 210 0.96 9.07 -24.04
N GLU B 211 -0.02 9.23 -24.94
CA GLU B 211 -0.12 8.38 -26.11
C GLU B 211 0.94 8.78 -27.12
N LEU B 212 1.81 7.84 -27.47
CA LEU B 212 2.99 8.15 -28.27
C LEU B 212 2.71 7.97 -29.75
N ALA B 213 3.07 8.97 -30.55
CA ALA B 213 3.04 8.85 -32.00
C ALA B 213 4.37 8.36 -32.57
N ALA B 214 5.47 8.55 -31.84
CA ALA B 214 6.76 8.03 -32.23
C ALA B 214 7.50 7.61 -30.96
N ASP B 215 8.68 7.00 -31.14
CA ASP B 215 9.47 6.56 -30.01
C ASP B 215 9.94 7.76 -29.20
N VAL B 216 9.60 7.78 -27.91
CA VAL B 216 9.91 8.89 -27.03
C VAL B 216 10.61 8.35 -25.79
N PRO B 217 11.82 8.82 -25.47
CA PRO B 217 12.45 8.41 -24.21
C PRO B 217 11.72 9.01 -23.02
N VAL B 218 11.61 8.22 -21.95
CA VAL B 218 10.91 8.69 -20.76
C VAL B 218 11.66 9.84 -20.10
N GLU B 219 12.97 9.91 -20.29
CA GLU B 219 13.75 11.00 -19.71
C GLU B 219 13.36 12.34 -20.30
N ASP B 220 12.93 12.36 -21.57
CA ASP B 220 12.43 13.61 -22.15
C ASP B 220 11.10 14.01 -21.53
N LEU B 221 10.28 13.03 -21.15
CA LEU B 221 9.07 13.33 -20.40
C LEU B 221 9.40 13.78 -18.99
N ILE B 222 10.49 13.26 -18.42
CA ILE B 222 10.92 13.68 -17.10
C ILE B 222 11.45 15.11 -17.13
N ARG B 223 12.10 15.50 -18.24
CA ARG B 223 12.70 16.83 -18.32
C ARG B 223 11.64 17.93 -18.28
N ILE B 224 10.49 17.69 -18.90
CA ILE B 224 9.46 18.73 -18.95
C ILE B 224 8.95 19.05 -17.56
N ALA B 225 8.77 18.03 -16.71
CA ALA B 225 8.22 18.26 -15.38
C ALA B 225 9.26 18.91 -14.46
N GLU B 226 10.51 18.46 -14.55
CA GLU B 226 11.54 19.02 -13.67
C GLU B 226 11.87 20.47 -14.02
N GLU B 227 11.69 20.86 -15.28
CA GLU B 227 12.02 22.21 -15.70
C GLU B 227 10.87 23.19 -15.48
N GLU B 228 9.63 22.74 -15.58
CA GLU B 228 8.47 23.61 -15.44
C GLU B 228 7.91 23.60 -14.02
N ALA B 229 8.71 23.21 -13.04
CA ALA B 229 8.35 23.22 -11.64
C ALA B 229 9.08 24.37 -10.94
N SER B 230 9.05 24.37 -9.61
CA SER B 230 9.88 25.31 -8.87
C SER B 230 11.31 24.80 -8.76
N CYS B 231 11.49 23.54 -8.36
CA CYS B 231 12.80 22.92 -8.35
C CYS B 231 12.63 21.41 -8.52
N GLU B 232 13.72 20.76 -8.91
CA GLU B 232 13.75 19.32 -9.08
C GLU B 232 14.20 18.67 -7.77
N LEU B 233 14.40 17.34 -7.80
CA LEU B 233 14.79 16.59 -6.62
C LEU B 233 16.18 15.99 -6.81
N TRP B 234 16.88 15.80 -5.69
CA TRP B 234 18.22 15.25 -5.67
C TRP B 234 18.37 14.34 -4.47
N GLY B 235 19.16 13.29 -4.64
CA GLY B 235 19.42 12.36 -3.54
C GLY B 235 20.47 12.86 -2.58
N LEU B 236 21.67 13.14 -3.10
CA LEU B 236 22.77 13.68 -2.32
C LEU B 236 22.93 15.15 -2.64
N LEU B 237 23.01 15.99 -1.60
CA LEU B 237 23.03 17.44 -1.79
C LEU B 237 24.04 18.05 -0.83
N LYS B 238 24.89 18.92 -1.34
CA LYS B 238 25.92 19.56 -0.53
C LYS B 238 25.39 20.87 0.07
N ARG B 239 26.22 21.51 0.88
CA ARG B 239 25.82 22.77 1.51
C ARG B 239 25.64 23.88 0.48
N PRO B 240 26.56 24.09 -0.46
CA PRO B 240 26.30 25.09 -1.53
C PRO B 240 25.14 24.71 -2.42
N ASP B 241 24.88 23.41 -2.58
CA ASP B 241 23.77 22.96 -3.42
C ASP B 241 22.43 23.06 -2.70
N GLU B 242 22.43 23.09 -1.37
CA GLU B 242 21.20 23.23 -0.60
C GLU B 242 20.78 24.68 -0.42
N LYS B 243 21.67 25.63 -0.71
CA LYS B 243 21.31 27.05 -0.67
C LYS B 243 20.69 27.54 -1.97
N PHE B 244 21.09 26.95 -3.10
CA PHE B 244 20.50 27.33 -4.38
C PHE B 244 19.11 26.74 -4.56
N VAL B 245 18.85 25.57 -3.98
CA VAL B 245 17.52 24.98 -4.11
C VAL B 245 16.52 25.68 -3.20
N THR B 246 16.97 26.24 -2.07
CA THR B 246 16.05 26.90 -1.16
C THR B 246 15.62 28.25 -1.69
N GLU B 247 16.52 28.98 -2.35
CA GLU B 247 16.16 30.28 -2.89
C GLU B 247 15.54 30.19 -4.28
N ARG B 248 16.14 29.42 -5.19
CA ARG B 248 15.63 29.37 -6.55
C ARG B 248 14.24 28.74 -6.63
N ALA B 249 13.94 27.81 -5.71
CA ALA B 249 12.56 27.34 -5.61
C ALA B 249 11.66 28.41 -5.02
N TYR B 250 12.19 29.23 -4.10
CA TYR B 250 11.41 30.35 -3.57
C TYR B 250 11.32 31.49 -4.58
N GLU B 251 12.40 31.74 -5.32
CA GLU B 251 12.38 32.80 -6.31
C GLU B 251 11.38 32.51 -7.42
N ASN B 252 11.11 31.23 -7.71
CA ASN B 252 10.20 30.82 -8.77
CA ASN B 252 10.21 30.81 -8.77
C ASN B 252 9.08 29.96 -8.20
N PRO B 253 8.19 30.56 -7.39
CA PRO B 253 7.06 29.81 -6.87
C PRO B 253 6.00 29.60 -7.94
N LYS B 254 5.48 28.38 -8.02
CA LYS B 254 4.42 28.05 -8.96
C LYS B 254 3.35 27.22 -8.26
N PHE B 255 2.09 27.58 -8.52
CA PHE B 255 0.95 26.88 -7.96
C PHE B 255 0.76 25.53 -8.64
N VAL B 256 0.00 24.64 -7.99
CA VAL B 256 -0.47 23.45 -8.69
C VAL B 256 -1.22 23.90 -9.95
N GLU B 257 -2.06 24.91 -9.81
CA GLU B 257 -2.80 25.45 -10.94
C GLU B 257 -1.85 25.98 -12.02
N ASP B 258 -0.72 26.55 -11.61
CA ASP B 258 0.26 27.04 -12.56
C ASP B 258 1.21 25.96 -13.06
N LEU B 259 1.41 24.91 -12.27
CA LEU B 259 2.35 23.86 -12.64
C LEU B 259 1.86 23.06 -13.85
N VAL B 260 0.59 22.67 -13.83
CA VAL B 260 0.10 21.77 -14.91
C VAL B 260 0.06 22.51 -16.25
N ARG B 261 -0.41 23.75 -16.25
CA ARG B 261 -0.59 24.49 -17.53
C ARG B 261 0.76 24.68 -18.21
N ASP B 262 1.80 24.97 -17.45
CA ASP B 262 3.14 25.25 -18.01
C ASP B 262 3.67 24.01 -18.72
N VAL B 263 3.41 22.83 -18.16
CA VAL B 263 3.93 21.56 -18.76
C VAL B 263 3.16 21.25 -20.04
N ALA B 264 1.86 21.46 -20.05
CA ALA B 264 1.06 21.08 -21.21
C ALA B 264 1.49 21.86 -22.46
N ARG B 265 1.86 23.12 -22.29
CA ARG B 265 2.35 23.91 -23.45
C ARG B 265 3.41 23.10 -24.18
N ARG B 266 4.42 22.64 -23.44
CA ARG B 266 5.52 21.83 -24.03
C ARG B 266 4.94 20.52 -24.57
N LEU B 267 3.99 19.95 -23.84
CA LEU B 267 3.37 18.68 -24.30
C LEU B 267 2.57 18.94 -25.57
N ASP B 268 1.78 20.01 -25.59
CA ASP B 268 1.01 20.34 -26.79
C ASP B 268 1.93 20.52 -27.99
N ALA B 269 3.18 20.90 -27.77
CA ALA B 269 4.12 21.12 -28.86
C ALA B 269 4.67 19.81 -29.40
N ASP B 270 5.19 18.97 -28.52
CA ASP B 270 5.79 17.70 -28.94
C ASP B 270 4.81 16.91 -29.79
N GLU B 271 5.10 16.80 -31.08
CA GLU B 271 4.15 16.12 -32.00
C GLU B 271 4.27 14.62 -31.79
N ARG B 272 5.30 14.20 -31.08
CA ARG B 272 5.45 12.75 -30.76
C ARG B 272 4.27 12.33 -29.89
N ILE B 273 3.82 13.19 -28.98
CA ILE B 273 2.65 12.89 -28.09
C ILE B 273 1.33 13.39 -28.71
N VAL B 274 0.39 12.50 -29.06
CA VAL B 274 -0.89 12.89 -29.61
C VAL B 274 -1.90 13.18 -28.50
N ALA B 275 -1.86 12.41 -27.41
CA ALA B 275 -2.76 12.60 -26.29
C ALA B 275 -2.00 12.41 -25.00
N TYR B 276 -2.49 13.05 -23.93
CA TYR B 276 -1.83 12.97 -22.63
C TYR B 276 -2.85 13.19 -21.53
N VAL B 277 -2.56 12.61 -20.37
CA VAL B 277 -3.32 12.84 -19.14
C VAL B 277 -2.32 13.30 -18.10
N LEU B 278 -2.34 14.57 -17.77
CA LEU B 278 -1.36 15.18 -16.89
C LEU B 278 -1.97 15.40 -15.51
N GLU B 279 -1.27 14.93 -14.47
CA GLU B 279 -1.72 15.06 -13.10
C GLU B 279 -0.62 15.70 -12.26
N ALA B 280 -1.03 16.35 -11.17
CA ALA B 280 -0.07 16.98 -10.27
C ALA B 280 -0.63 16.97 -8.86
N GLU B 281 0.11 16.36 -7.94
CA GLU B 281 -0.25 16.29 -6.53
C GLU B 281 0.84 16.96 -5.72
N ASN B 282 0.47 17.93 -4.88
CA ASN B 282 1.45 18.74 -4.18
C ASN B 282 1.75 18.27 -2.76
N PHE B 283 0.99 17.32 -2.23
CA PHE B 283 1.26 16.75 -0.91
C PHE B 283 1.54 17.85 0.11
N GLU B 284 0.49 18.62 0.38
CA GLU B 284 0.62 19.83 1.19
C GLU B 284 1.38 19.54 2.48
N SER B 285 2.26 20.48 2.86
CA SER B 285 3.09 20.34 4.08
C SER B 285 2.45 21.07 5.25
N ILE B 286 1.58 22.04 4.95
CA ILE B 286 0.82 22.77 6.00
C ILE B 286 -0.53 22.09 6.26
N HIS B 287 -0.87 21.04 5.51
CA HIS B 287 -2.22 20.42 5.63
C HIS B 287 -2.12 18.89 5.48
N ASN B 288 -3.13 18.16 5.95
CA ASN B 288 -3.11 16.70 5.88
C ASN B 288 -3.76 16.16 4.60
N HIS B 289 -3.93 17.02 3.59
CA HIS B 289 -4.48 16.62 2.31
C HIS B 289 -3.55 17.11 1.20
N SER B 290 -3.92 16.82 -0.05
CA SER B 290 -3.08 17.13 -1.19
C SER B 290 -3.89 17.86 -2.25
N ALA B 291 -3.18 18.60 -3.11
CA ALA B 291 -3.77 19.34 -4.21
C ALA B 291 -3.71 18.51 -5.47
N TYR B 292 -4.77 18.60 -6.28
CA TYR B 292 -4.88 17.80 -7.50
C TYR B 292 -5.21 18.69 -8.68
N ALA B 293 -4.69 18.31 -9.85
CA ALA B 293 -4.93 19.01 -11.09
C ALA B 293 -4.78 18.03 -12.24
N LEU B 294 -5.67 18.11 -13.22
CA LEU B 294 -5.69 17.15 -14.32
C LEU B 294 -5.90 17.87 -15.63
N ILE B 295 -5.21 17.41 -16.67
CA ILE B 295 -5.35 17.92 -18.02
C ILE B 295 -5.55 16.75 -18.96
N GLU B 296 -6.50 16.89 -19.89
CA GLU B 296 -6.85 15.85 -20.84
C GLU B 296 -6.91 16.46 -22.23
N ARG B 297 -6.28 15.81 -23.21
CA ARG B 297 -6.17 16.42 -24.53
C ARG B 297 -5.72 15.43 -25.60
N ASP B 298 -6.63 15.05 -26.48
CA ASP B 298 -6.29 14.26 -27.67
C ASP B 298 -6.28 15.22 -28.86
N LYS B 299 -5.09 15.71 -29.20
CA LYS B 299 -4.96 16.72 -30.25
C LYS B 299 -5.73 16.34 -31.50
N ARG B 300 -5.85 15.04 -31.79
CA ARG B 300 -6.54 14.58 -32.98
C ARG B 300 -7.98 15.08 -33.06
N ARG B 301 -8.52 15.66 -31.98
CA ARG B 301 -9.87 16.18 -32.00
C ARG B 301 -9.90 17.60 -32.56
N MET C 56 20.04 14.01 25.91
CA MET C 56 19.08 13.10 25.29
C MET C 56 19.67 12.48 24.03
N PRO C 57 20.19 11.26 24.16
CA PRO C 57 20.75 10.57 22.99
C PRO C 57 19.66 10.12 22.03
N ILE C 58 20.06 9.96 20.76
CA ILE C 58 19.19 9.45 19.72
C ILE C 58 19.69 8.06 19.35
N GLN C 59 18.86 7.04 19.61
CA GLN C 59 19.31 5.67 19.39
C GLN C 59 19.41 5.34 17.90
N ARG C 60 18.54 5.92 17.07
CA ARG C 60 18.56 5.68 15.63
C ARG C 60 18.34 7.01 14.92
N VAL C 61 19.34 7.42 14.12
CA VAL C 61 19.27 8.65 13.35
C VAL C 61 19.88 8.38 11.98
N GLY C 62 19.11 8.65 10.93
CA GLY C 62 19.61 8.42 9.59
C GLY C 62 18.56 8.72 8.54
N VAL C 63 18.74 8.12 7.37
CA VAL C 63 17.85 8.31 6.25
C VAL C 63 16.87 7.15 6.16
N ARG C 64 15.80 7.33 5.40
CA ARG C 64 14.77 6.32 5.26
C ARG C 64 14.23 6.34 3.84
N ALA C 65 13.97 5.15 3.30
CA ALA C 65 13.30 4.98 2.02
C ALA C 65 14.06 5.41 0.76
N VAL C 66 15.38 5.19 0.80
CA VAL C 66 16.25 5.43 -0.35
C VAL C 66 16.27 4.27 -1.32
N ARG C 67 15.77 4.48 -2.53
CA ARG C 67 15.73 3.41 -3.55
C ARG C 67 16.97 3.52 -4.42
N HIS C 68 17.60 2.38 -4.73
CA HIS C 68 18.82 2.36 -5.56
C HIS C 68 18.96 0.98 -6.15
N PRO C 69 19.35 0.85 -7.43
CA PRO C 69 19.60 -0.46 -8.01
C PRO C 69 20.56 -1.29 -7.16
N LEU C 70 20.50 -2.61 -7.27
CA LEU C 70 21.32 -3.48 -6.44
C LEU C 70 21.62 -4.79 -7.16
N THR C 71 22.86 -5.26 -6.99
CA THR C 71 23.29 -6.57 -7.46
C THR C 71 23.48 -7.50 -6.25
N VAL C 72 22.93 -8.71 -6.35
CA VAL C 72 22.96 -9.67 -5.25
C VAL C 72 23.46 -11.00 -5.80
N ARG C 73 24.31 -11.68 -5.03
CA ARG C 73 24.95 -12.91 -5.47
C ARG C 73 24.31 -14.10 -4.78
N THR C 74 24.01 -15.16 -5.56
CA THR C 74 23.31 -16.34 -5.01
C THR C 74 24.26 -17.41 -4.47
N ALA C 75 23.71 -18.59 -4.16
CA ALA C 75 24.54 -19.72 -3.68
C ALA C 75 25.33 -20.24 -4.87
N GLU C 76 24.67 -20.36 -6.02
CA GLU C 76 25.37 -20.78 -7.25
C GLU C 76 26.04 -19.54 -7.85
N GLY C 77 26.80 -19.71 -8.93
CA GLY C 77 27.52 -18.59 -9.56
C GLY C 77 26.49 -17.78 -10.31
N GLU C 78 25.46 -17.31 -9.62
CA GLU C 78 24.39 -16.51 -10.25
C GLU C 78 24.39 -15.18 -9.50
N THR C 79 24.42 -14.07 -10.25
CA THR C 79 24.30 -12.76 -9.61
C THR C 79 22.96 -12.18 -10.10
N GLN C 80 22.14 -11.70 -9.18
CA GLN C 80 20.80 -11.21 -9.57
C GLN C 80 20.76 -9.71 -9.34
N ALA C 81 20.31 -8.97 -10.34
CA ALA C 81 20.19 -7.52 -10.23
C ALA C 81 18.76 -7.17 -9.82
N THR C 82 18.63 -6.42 -8.72
CA THR C 82 17.33 -6.07 -8.17
C THR C 82 17.30 -4.58 -7.83
N VAL C 83 16.18 -4.15 -7.26
CA VAL C 83 16.01 -2.78 -6.78
C VAL C 83 15.78 -2.87 -5.28
N GLY C 84 16.68 -2.26 -4.51
CA GLY C 84 16.61 -2.29 -3.06
C GLY C 84 16.29 -0.91 -2.51
N THR C 85 15.30 -0.87 -1.62
CA THR C 85 15.01 0.34 -0.86
C THR C 85 15.75 0.26 0.46
N TRP C 86 16.62 1.24 0.70
CA TRP C 86 17.56 1.20 1.82
C TRP C 86 17.09 2.14 2.94
N ASN C 87 17.38 1.76 4.18
CA ASN C 87 17.13 2.59 5.35
C ASN C 87 18.40 2.59 6.20
N LEU C 88 19.21 3.64 6.04
CA LEU C 88 20.50 3.74 6.69
C LEU C 88 20.38 4.64 7.92
N ASP C 89 20.86 4.15 9.06
CA ASP C 89 20.73 4.89 10.31
C ASP C 89 21.96 4.67 11.18
N VAL C 90 22.09 5.53 12.20
CA VAL C 90 23.21 5.49 13.13
C VAL C 90 22.72 5.87 14.53
N HIS C 91 23.64 5.89 15.50
CA HIS C 91 23.34 6.32 16.86
C HIS C 91 24.02 7.64 17.16
N LEU C 92 23.27 8.58 17.74
CA LEU C 92 23.79 9.88 18.13
C LEU C 92 23.70 10.02 19.64
N PRO C 93 24.80 10.20 20.36
CA PRO C 93 24.71 10.39 21.81
C PRO C 93 24.27 11.79 22.19
N ALA C 94 24.38 12.13 23.48
CA ALA C 94 24.01 13.47 23.94
C ALA C 94 25.11 14.48 23.70
N ASP C 95 26.36 14.03 23.65
CA ASP C 95 27.46 14.94 23.31
C ASP C 95 27.19 15.61 21.96
N GLN C 96 26.90 14.81 20.94
CA GLN C 96 26.63 15.34 19.61
C GLN C 96 25.26 15.98 19.55
N LYS C 97 25.01 16.73 18.47
CA LYS C 97 23.72 17.39 18.27
C LYS C 97 23.31 17.41 16.81
N GLY C 98 23.94 16.59 15.96
CA GLY C 98 23.61 16.54 14.56
C GLY C 98 24.50 15.59 13.79
N THR C 99 23.98 15.01 12.71
CA THR C 99 24.74 14.07 11.89
C THR C 99 24.79 14.55 10.45
N HIS C 100 25.68 13.94 9.67
CA HIS C 100 25.85 14.28 8.26
C HIS C 100 24.92 13.39 7.44
N MET C 101 23.72 13.91 7.15
CA MET C 101 22.75 13.13 6.41
C MET C 101 23.27 12.75 5.03
N SER C 102 24.02 13.65 4.39
CA SER C 102 24.46 13.42 3.02
C SER C 102 25.34 12.19 2.90
N ARG C 103 26.09 11.85 3.96
CA ARG C 103 27.03 10.73 3.87
C ARG C 103 26.29 9.42 3.61
N PHE C 104 25.13 9.23 4.24
CA PHE C 104 24.35 8.02 4.02
C PHE C 104 24.10 7.82 2.53
N VAL C 105 23.53 8.84 1.88
CA VAL C 105 23.21 8.76 0.46
C VAL C 105 24.47 8.52 -0.37
N ALA C 106 25.61 8.93 0.16
CA ALA C 106 26.83 8.80 -0.66
C ALA C 106 27.30 7.35 -0.67
N LEU C 107 27.17 6.65 0.45
CA LEU C 107 27.71 5.27 0.51
C LEU C 107 26.99 4.36 -0.47
N LEU C 108 25.66 4.47 -0.62
CA LEU C 108 24.99 3.64 -1.66
C LEU C 108 25.48 3.99 -3.06
N GLU C 109 25.59 5.28 -3.38
CA GLU C 109 26.14 5.71 -4.69
C GLU C 109 27.61 5.33 -4.82
N GLU C 110 28.39 5.51 -3.77
CA GLU C 110 29.85 5.27 -3.83
C GLU C 110 30.15 3.79 -4.05
N ARG C 111 29.41 2.93 -3.40
CA ARG C 111 29.70 1.48 -3.47
C ARG C 111 29.45 0.98 -4.86
N GLY C 112 30.25 0.01 -5.31
CA GLY C 112 30.02 -0.64 -6.61
C GLY C 112 30.40 -2.10 -6.48
N GLY C 113 29.44 -3.01 -6.62
CA GLY C 113 29.76 -4.44 -6.41
C GLY C 113 28.55 -5.28 -6.09
N PRO C 114 28.75 -6.60 -5.87
CA PRO C 114 27.64 -7.49 -5.60
C PRO C 114 27.46 -7.67 -4.11
N LEU C 115 26.34 -7.23 -3.57
CA LEU C 115 26.11 -7.34 -2.10
C LEU C 115 26.33 -8.78 -1.70
N THR C 116 27.41 -9.04 -0.98
CA THR C 116 27.72 -10.42 -0.53
C THR C 116 27.78 -10.39 0.99
N ALA C 117 27.80 -11.56 1.62
CA ALA C 117 27.79 -11.59 3.07
C ALA C 117 28.96 -10.80 3.65
N ASP C 118 30.11 -10.82 2.96
CA ASP C 118 31.26 -10.05 3.43
C ASP C 118 31.13 -8.58 3.04
N ALA C 119 30.56 -8.31 1.86
CA ALA C 119 30.36 -6.92 1.44
C ALA C 119 29.37 -6.20 2.35
N PHE C 120 28.39 -6.92 2.92
CA PHE C 120 27.46 -6.31 3.85
C PHE C 120 28.14 -5.96 5.16
N ARG C 121 29.08 -6.80 5.61
CA ARG C 121 29.83 -6.49 6.83
C ARG C 121 30.66 -5.24 6.66
N THR C 122 31.51 -5.21 5.63
CA THR C 122 32.32 -4.03 5.36
C THR C 122 31.47 -2.77 5.29
N MET C 123 30.30 -2.86 4.66
CA MET C 123 29.42 -1.70 4.54
C MET C 123 29.08 -1.13 5.92
N LEU C 124 28.66 -1.98 6.84
CA LEU C 124 28.30 -1.54 8.18
C LEU C 124 29.43 -0.74 8.82
N ALA C 125 30.63 -1.32 8.84
CA ALA C 125 31.78 -0.62 9.40
C ALA C 125 32.04 0.68 8.65
N THR C 126 32.24 0.59 7.34
CA THR C 126 32.40 1.77 6.50
C THR C 126 31.46 2.89 6.92
N MET C 127 30.16 2.59 6.95
CA MET C 127 29.18 3.58 7.39
C MET C 127 29.52 4.14 8.76
N LEU C 128 29.87 3.27 9.70
CA LEU C 128 30.12 3.70 11.07
C LEU C 128 31.30 4.66 11.12
N GLU C 129 32.35 4.38 10.36
CA GLU C 129 33.52 5.24 10.34
C GLU C 129 33.25 6.52 9.57
N LYS C 130 32.63 6.41 8.39
CA LYS C 130 32.32 7.58 7.58
C LYS C 130 31.45 8.58 8.34
N LEU C 131 30.72 8.13 9.36
CA LEU C 131 29.96 9.02 10.21
C LEU C 131 30.63 9.26 11.56
N GLU C 132 31.74 8.59 11.84
CA GLU C 132 32.44 8.69 13.12
C GLU C 132 31.56 8.28 14.30
N ALA C 133 30.99 7.08 14.18
CA ALA C 133 30.10 6.52 15.22
C ALA C 133 30.59 5.14 15.62
N ARG C 134 29.90 4.49 16.57
CA ARG C 134 30.33 3.15 17.01
C ARG C 134 29.12 2.21 16.99
N ALA C 135 27.99 2.68 16.47
CA ALA C 135 26.79 1.84 16.36
C ALA C 135 25.85 2.39 15.29
N GLY C 136 25.07 1.53 14.65
CA GLY C 136 24.15 1.87 13.58
C GLY C 136 23.54 0.61 13.01
N ARG C 137 22.67 0.81 12.02
CA ARG C 137 21.97 -0.30 11.39
C ARG C 137 21.84 -0.06 9.89
N ILE C 138 21.74 -1.16 9.14
CA ILE C 138 21.56 -1.12 7.69
C ILE C 138 20.46 -2.11 7.34
N GLU C 139 19.48 -1.65 6.55
CA GLU C 139 18.42 -2.52 6.07
C GLU C 139 18.19 -2.25 4.59
N VAL C 140 18.19 -3.31 3.78
CA VAL C 140 17.88 -3.21 2.36
C VAL C 140 16.77 -4.20 2.06
N SER C 141 15.71 -3.72 1.41
CA SER C 141 14.57 -4.55 1.03
C SER C 141 14.57 -4.67 -0.49
N PHE C 142 14.85 -5.86 -0.99
CA PHE C 142 14.94 -6.08 -2.41
C PHE C 142 14.08 -7.26 -2.84
N PRO C 143 13.64 -7.27 -4.10
CA PRO C 143 12.90 -8.43 -4.62
C PRO C 143 13.84 -9.47 -5.21
N TYR C 144 13.71 -10.72 -4.75
CA TYR C 144 14.56 -11.82 -5.17
C TYR C 144 13.76 -12.76 -6.05
N PHE C 145 14.46 -13.55 -6.86
CA PHE C 145 13.79 -14.44 -7.81
C PHE C 145 14.59 -15.73 -7.95
N VAL C 146 13.87 -16.86 -8.06
CA VAL C 146 14.53 -18.18 -8.22
C VAL C 146 13.84 -18.95 -9.36
N ASN C 147 14.60 -19.40 -10.36
CA ASN C 147 14.01 -20.25 -11.43
C ASN C 147 13.62 -21.58 -10.82
N LYS C 148 12.46 -22.10 -11.18
CA LYS C 148 11.97 -23.32 -10.55
C LYS C 148 11.45 -24.25 -11.63
N THR C 149 11.47 -25.55 -11.36
CA THR C 149 10.96 -26.51 -12.36
C THR C 149 9.59 -26.97 -11.90
N ALA C 150 8.59 -26.79 -12.76
CA ALA C 150 7.22 -27.11 -12.38
C ALA C 150 7.14 -28.58 -12.00
N PRO C 151 6.19 -28.97 -11.13
CA PRO C 151 6.13 -30.34 -10.63
C PRO C 151 6.13 -31.46 -11.67
N VAL C 152 5.28 -31.37 -12.68
CA VAL C 152 5.27 -32.43 -13.73
C VAL C 152 6.01 -31.95 -14.99
N SER C 153 5.74 -30.73 -15.45
CA SER C 153 6.33 -30.23 -16.71
C SER C 153 7.84 -30.11 -16.65
N GLY C 154 8.37 -29.61 -15.54
CA GLY C 154 9.82 -29.31 -15.51
C GLY C 154 10.01 -27.97 -16.18
N VAL C 155 8.91 -27.29 -16.49
CA VAL C 155 8.98 -25.99 -17.20
C VAL C 155 9.70 -25.05 -16.26
N ARG C 156 10.53 -24.18 -16.80
CA ARG C 156 11.32 -23.33 -15.88
C ARG C 156 10.56 -22.03 -15.74
N SER C 157 10.24 -21.68 -14.49
CA SER C 157 9.43 -20.47 -14.22
C SER C 157 10.08 -19.72 -13.08
N LEU C 158 9.98 -18.39 -13.08
CA LEU C 158 10.59 -17.58 -12.00
C LEU C 158 9.53 -17.22 -10.97
N LEU C 159 9.87 -17.34 -9.69
CA LEU C 159 8.98 -16.97 -8.60
C LEU C 159 9.55 -15.77 -7.87
N ASP C 160 8.67 -14.87 -7.43
CA ASP C 160 9.10 -13.66 -6.74
C ASP C 160 9.28 -13.92 -5.25
N TYR C 161 10.33 -13.34 -4.68
CA TYR C 161 10.60 -13.45 -3.25
C TYR C 161 10.99 -12.08 -2.72
N GLU C 162 10.42 -11.72 -1.57
CA GLU C 162 10.71 -10.45 -0.90
C GLU C 162 11.72 -10.71 0.20
N VAL C 163 12.94 -10.20 0.02
CA VAL C 163 14.04 -10.42 0.95
C VAL C 163 14.42 -9.09 1.59
N THR C 164 14.73 -9.14 2.89
CA THR C 164 15.16 -7.97 3.64
C THR C 164 16.45 -8.30 4.36
N LEU C 165 17.52 -7.61 4.00
CA LEU C 165 18.82 -7.80 4.63
C LEU C 165 19.06 -6.67 5.62
N THR C 166 19.18 -7.03 6.90
CA THR C 166 19.42 -6.05 7.95
C THR C 166 20.69 -6.41 8.72
N GLY C 167 21.39 -5.39 9.19
CA GLY C 167 22.60 -5.56 9.96
C GLY C 167 22.80 -4.42 10.94
N ASP C 168 23.03 -4.76 12.21
CA ASP C 168 23.14 -3.76 13.27
C ASP C 168 24.43 -3.95 14.03
N VAL C 169 24.98 -2.86 14.55
CA VAL C 169 26.15 -2.88 15.41
C VAL C 169 25.82 -2.12 16.69
N ARG C 170 25.84 -2.81 17.82
CA ARG C 170 25.61 -2.19 19.12
C ARG C 170 26.54 -2.85 20.12
N ASP C 171 27.39 -2.06 20.77
CA ASP C 171 28.40 -2.56 21.69
C ASP C 171 29.43 -3.41 20.96
N GLY C 172 29.82 -2.97 19.76
CA GLY C 172 30.87 -3.68 19.02
C GLY C 172 30.44 -5.09 18.63
N LEU C 173 29.14 -5.34 18.62
CA LEU C 173 28.63 -6.65 18.17
C LEU C 173 27.77 -6.44 16.93
N THR C 174 28.05 -7.19 15.87
CA THR C 174 27.35 -7.03 14.57
C THR C 174 26.36 -8.17 14.39
N ARG C 175 25.11 -7.93 14.74
CA ARG C 175 24.07 -8.96 14.49
C ARG C 175 23.71 -8.80 13.03
N VAL C 176 23.82 -9.86 12.26
CA VAL C 176 23.33 -9.73 10.87
C VAL C 176 22.07 -10.56 10.81
N PHE C 177 20.98 -9.92 10.39
CA PHE C 177 19.68 -10.63 10.33
C PHE C 177 19.24 -10.72 8.87
N ALA C 178 18.44 -11.73 8.58
CA ALA C 178 17.86 -11.91 7.23
C ALA C 178 16.40 -12.34 7.27
N LYS C 179 15.48 -11.48 6.83
CA LYS C 179 14.07 -11.84 6.72
C LYS C 179 13.69 -12.12 5.27
N VAL C 180 12.94 -13.20 5.06
CA VAL C 180 12.46 -13.60 3.75
C VAL C 180 10.95 -13.81 3.83
N LEU C 181 10.22 -13.33 2.84
CA LEU C 181 8.78 -13.57 2.73
C LEU C 181 8.57 -14.66 1.69
N VAL C 182 8.09 -15.81 2.12
CA VAL C 182 8.00 -17.00 1.29
C VAL C 182 6.54 -17.25 0.93
N PRO C 183 6.19 -17.29 -0.35
CA PRO C 183 4.80 -17.60 -0.73
C PRO C 183 4.58 -19.11 -0.83
N VAL C 184 3.62 -19.64 -0.09
CA VAL C 184 3.30 -21.06 -0.09
C VAL C 184 1.79 -21.22 -0.13
N THR C 185 1.35 -22.47 -0.16
CA THR C 185 -0.08 -22.81 -0.19
C THR C 185 -0.44 -23.56 1.08
N SER C 186 -1.61 -23.22 1.61
CA SER C 186 -2.11 -23.83 2.85
C SER C 186 -3.43 -24.57 2.59
N LEU C 187 -3.62 -25.75 3.19
CA LEU C 187 -4.93 -26.45 3.08
C LEU C 187 -5.39 -26.76 4.50
N CYS C 188 -6.63 -26.40 4.85
CA CYS C 188 -7.06 -26.51 6.11
C CYS C 188 -7.37 -27.95 6.46
N PRO C 189 -6.76 -28.48 7.55
CA PRO C 189 -6.99 -29.87 7.98
C PRO C 189 -8.44 -30.26 8.33
N SNC C 190 -9.16 -29.43 9.06
CA SNC C 190 -10.59 -29.74 9.37
CB SNC C 190 -11.04 -29.14 10.68
SG SNC C 190 -12.41 -29.99 11.51
ND SNC C 190 -12.54 -29.48 13.02
OE SNC C 190 -11.74 -28.64 13.47
C SNC C 190 -11.47 -29.27 8.24
O SNC C 190 -12.47 -28.61 8.53
N SER C 191 -11.10 -29.54 6.99
CA SER C 191 -11.99 -29.25 5.85
C SER C 191 -12.07 -30.50 4.97
N LYS C 192 -10.99 -31.29 4.98
CA LYS C 192 -10.91 -32.54 4.24
C LYS C 192 -11.52 -33.71 4.99
N LYS C 193 -11.59 -33.63 6.32
CA LYS C 193 -12.22 -34.66 7.13
C LYS C 193 -13.65 -34.32 7.52
N ILE C 194 -14.01 -33.04 7.49
CA ILE C 194 -15.40 -32.63 7.82
C ILE C 194 -16.27 -32.67 6.57
N SER C 195 -15.66 -32.84 5.39
CA SER C 195 -16.42 -32.73 4.12
C SER C 195 -16.33 -34.00 3.28
N GLN C 196 -17.44 -34.44 2.71
CA GLN C 196 -17.41 -35.64 1.85
C GLN C 196 -16.53 -35.39 0.63
N TYR C 197 -16.66 -34.22 0.02
CA TYR C 197 -15.78 -33.90 -1.12
C TYR C 197 -15.09 -32.55 -0.94
N GLY C 198 -13.78 -32.51 -1.15
CA GLY C 198 -13.10 -31.20 -1.17
C GLY C 198 -12.36 -30.78 0.07
N ALA C 199 -11.79 -29.56 0.02
CA ALA C 199 -11.01 -28.97 1.12
C ALA C 199 -10.75 -27.50 0.78
N HIS C 200 -10.51 -26.65 1.78
CA HIS C 200 -10.33 -25.19 1.52
C HIS C 200 -8.85 -24.86 1.42
N ASN C 201 -8.47 -24.16 0.35
CA ASN C 201 -7.05 -23.81 0.12
C ASN C 201 -6.93 -22.30 -0.02
N GLN C 202 -5.86 -21.74 0.55
CA GLN C 202 -5.60 -20.30 0.41
C GLN C 202 -4.13 -20.13 0.13
N ARG C 203 -3.72 -18.91 -0.20
CA ARG C 203 -2.28 -18.63 -0.34
C ARG C 203 -1.75 -18.22 1.05
N SER C 204 -0.45 -18.40 1.28
CA SER C 204 0.11 -18.07 2.61
C SER C 204 1.42 -17.27 2.51
N HIS C 205 1.73 -16.49 3.54
CA HIS C 205 2.95 -15.69 3.60
C HIS C 205 3.77 -16.18 4.79
N VAL C 206 4.92 -16.80 4.52
CA VAL C 206 5.81 -17.30 5.56
C VAL C 206 6.99 -16.34 5.66
N THR C 207 7.11 -15.68 6.82
CA THR C 207 8.17 -14.72 7.07
C THR C 207 9.17 -15.33 8.05
N ILE C 208 10.46 -15.26 7.71
CA ILE C 208 11.53 -15.89 8.48
C ILE C 208 12.61 -14.83 8.71
N ASP C 209 12.50 -14.07 9.79
CA ASP C 209 13.58 -13.20 10.23
C ASP C 209 14.51 -14.03 11.10
N ALA C 210 15.81 -13.99 10.79
CA ALA C 210 16.76 -14.91 11.39
C ALA C 210 18.08 -14.21 11.66
N GLU C 211 18.50 -14.23 12.93
CA GLU C 211 19.85 -13.71 13.24
C GLU C 211 20.78 -14.81 12.73
N LEU C 212 21.86 -14.44 12.06
CA LEU C 212 22.67 -15.51 11.46
C LEU C 212 24.01 -15.62 12.15
N ALA C 213 24.35 -16.83 12.61
CA ALA C 213 25.70 -17.05 13.16
C ALA C 213 26.61 -17.39 11.99
N ALA C 214 26.00 -17.64 10.84
CA ALA C 214 26.77 -18.06 9.65
C ALA C 214 26.05 -17.58 8.40
N ASP C 215 26.75 -17.56 7.27
CA ASP C 215 26.05 -17.20 6.03
C ASP C 215 24.99 -18.24 5.77
N VAL C 216 23.78 -17.81 5.43
CA VAL C 216 22.72 -18.75 5.04
C VAL C 216 22.21 -18.27 3.69
N PRO C 217 22.09 -19.10 2.65
CA PRO C 217 21.52 -18.64 1.40
C PRO C 217 20.03 -18.30 1.57
N VAL C 218 19.58 -17.14 1.07
CA VAL C 218 18.16 -16.85 1.13
C VAL C 218 17.36 -17.97 0.49
N GLU C 219 17.92 -18.63 -0.53
CA GLU C 219 17.23 -19.76 -1.14
C GLU C 219 17.16 -20.95 -0.18
N ASP C 220 18.11 -21.05 0.75
CA ASP C 220 18.04 -22.12 1.74
C ASP C 220 16.91 -21.88 2.73
N LEU C 221 16.61 -20.62 3.04
CA LEU C 221 15.44 -20.31 3.85
C LEU C 221 14.15 -20.53 3.07
N ILE C 222 14.19 -20.28 1.75
CA ILE C 222 13.02 -20.58 0.93
C ILE C 222 12.84 -22.08 0.78
N ARG C 223 13.94 -22.83 0.71
CA ARG C 223 13.85 -24.28 0.59
C ARG C 223 13.26 -24.91 1.84
N ILE C 224 13.59 -24.40 3.03
CA ILE C 224 12.95 -24.96 4.25
C ILE C 224 11.43 -24.80 4.18
N ALA C 225 10.93 -23.58 4.04
CA ALA C 225 9.47 -23.31 4.10
C ALA C 225 8.69 -23.98 2.97
N GLU C 226 9.19 -23.93 1.76
CA GLU C 226 8.45 -24.51 0.61
C GLU C 226 8.32 -26.01 0.84
N GLU C 227 9.39 -26.62 1.34
CA GLU C 227 9.35 -28.07 1.67
C GLU C 227 8.34 -28.34 2.79
N GLU C 228 8.25 -27.46 3.80
CA GLU C 228 7.39 -27.71 4.99
C GLU C 228 6.02 -27.05 4.83
N ALA C 229 5.38 -27.22 3.69
CA ALA C 229 4.02 -26.66 3.49
C ALA C 229 3.22 -27.63 2.64
N SER C 230 1.93 -27.33 2.48
CA SER C 230 1.04 -28.23 1.72
C SER C 230 1.51 -28.32 0.26
N CYS C 231 1.86 -27.20 -0.37
CA CYS C 231 2.47 -27.22 -1.76
C CYS C 231 3.20 -25.91 -2.09
N GLU C 232 4.33 -25.99 -2.77
CA GLU C 232 5.15 -24.81 -3.16
C GLU C 232 4.45 -24.03 -4.26
N LEU C 233 4.78 -22.74 -4.42
CA LEU C 233 4.19 -21.95 -5.53
C LEU C 233 5.09 -21.94 -6.78
N TRP C 234 4.51 -22.06 -7.97
CA TRP C 234 5.21 -21.98 -9.27
C TRP C 234 4.44 -21.02 -10.17
N GLY C 235 5.08 -20.07 -10.83
CA GLY C 235 4.37 -19.21 -11.79
C GLY C 235 3.79 -19.91 -13.02
N LEU C 236 4.52 -20.84 -13.64
CA LEU C 236 4.02 -21.46 -14.88
C LEU C 236 3.77 -22.94 -14.61
N LEU C 237 2.53 -23.38 -14.83
CA LEU C 237 2.13 -24.77 -14.57
C LEU C 237 1.10 -25.15 -15.63
N LYS C 238 1.05 -26.42 -16.05
CA LYS C 238 0.00 -26.84 -17.00
C LYS C 238 -0.92 -27.88 -16.36
N ARG C 239 -1.71 -28.59 -17.15
CA ARG C 239 -2.72 -29.49 -16.54
C ARG C 239 -2.06 -30.56 -15.69
N PRO C 240 -0.94 -31.18 -16.09
CA PRO C 240 -0.27 -32.12 -15.21
C PRO C 240 0.15 -31.38 -13.94
N ASP C 241 0.88 -30.30 -14.13
CA ASP C 241 1.42 -29.54 -13.01
C ASP C 241 0.33 -29.18 -12.00
N GLU C 242 -0.83 -28.74 -12.48
CA GLU C 242 -1.93 -28.36 -11.60
C GLU C 242 -2.69 -29.55 -11.04
N LYS C 243 -2.41 -30.76 -11.51
CA LYS C 243 -2.98 -31.96 -10.92
C LYS C 243 -2.12 -32.47 -9.76
N PHE C 244 -0.82 -32.63 -10.00
CA PHE C 244 0.10 -32.98 -8.92
C PHE C 244 0.01 -31.98 -7.78
N VAL C 245 -0.15 -30.70 -8.12
CA VAL C 245 -0.25 -29.66 -7.08
C VAL C 245 -1.49 -29.87 -6.23
N THR C 246 -2.65 -29.84 -6.87
CA THR C 246 -3.89 -29.96 -6.08
C THR C 246 -3.84 -31.21 -5.21
N GLU C 247 -3.54 -32.36 -5.80
CA GLU C 247 -3.58 -33.62 -5.03
C GLU C 247 -2.58 -33.67 -3.88
N ARG C 248 -1.35 -33.23 -4.09
CA ARG C 248 -0.34 -33.38 -3.01
C ARG C 248 -0.79 -32.55 -1.81
N ALA C 249 -1.35 -31.36 -2.05
CA ALA C 249 -1.82 -30.47 -0.97
C ALA C 249 -2.93 -31.10 -0.15
N TYR C 250 -3.87 -31.78 -0.81
CA TYR C 250 -4.96 -32.46 -0.11
C TYR C 250 -4.31 -33.53 0.73
N GLU C 251 -3.32 -34.20 0.16
CA GLU C 251 -2.59 -35.29 0.88
C GLU C 251 -1.84 -34.73 2.09
N ASN C 252 -1.25 -33.54 1.97
CA ASN C 252 -0.56 -32.91 3.13
C ASN C 252 -1.33 -31.69 3.63
N PRO C 253 -2.40 -31.83 4.43
CA PRO C 253 -3.09 -30.68 5.01
C PRO C 253 -2.47 -30.25 6.32
N LYS C 254 -2.34 -28.93 6.50
CA LYS C 254 -1.65 -28.39 7.66
C LYS C 254 -2.34 -27.12 8.15
N PHE C 255 -2.23 -26.88 9.45
CA PHE C 255 -2.76 -25.72 10.13
C PHE C 255 -1.74 -24.58 10.03
N VAL C 256 -2.20 -23.35 10.25
CA VAL C 256 -1.24 -22.27 10.46
C VAL C 256 -0.43 -22.58 11.71
N GLU C 257 -1.03 -23.31 12.64
CA GLU C 257 -0.34 -23.74 13.85
C GLU C 257 0.75 -24.76 13.54
N ASP C 258 0.46 -25.70 12.63
CA ASP C 258 1.44 -26.74 12.30
C ASP C 258 2.58 -26.18 11.48
N LEU C 259 2.27 -25.36 10.47
CA LEU C 259 3.30 -24.84 9.56
C LEU C 259 4.47 -24.26 10.33
N VAL C 260 4.20 -23.32 11.23
CA VAL C 260 5.28 -22.65 11.95
C VAL C 260 6.12 -23.65 12.74
N ARG C 261 5.47 -24.67 13.30
CA ARG C 261 6.19 -25.65 14.11
C ARG C 261 7.12 -26.50 13.25
N ASP C 262 6.60 -27.06 12.15
CA ASP C 262 7.43 -27.84 11.25
C ASP C 262 8.67 -27.04 10.83
N VAL C 263 8.46 -25.80 10.40
CA VAL C 263 9.58 -24.96 9.97
C VAL C 263 10.55 -24.73 11.12
N ALA C 264 10.03 -24.27 12.26
CA ALA C 264 10.88 -23.94 13.40
C ALA C 264 11.82 -25.09 13.75
N ARG C 265 11.40 -26.33 13.51
CA ARG C 265 12.23 -27.47 13.90
C ARG C 265 13.40 -27.55 12.93
N ARG C 266 13.12 -27.34 11.65
CA ARG C 266 14.18 -27.34 10.61
C ARG C 266 15.11 -26.18 10.94
N LEU C 267 14.54 -25.07 11.39
CA LEU C 267 15.37 -23.92 11.81
C LEU C 267 16.28 -24.34 12.97
N ASP C 268 15.79 -25.16 13.90
CA ASP C 268 16.59 -25.53 15.05
C ASP C 268 17.68 -26.54 14.70
N ALA C 269 17.59 -27.17 13.54
CA ALA C 269 18.66 -28.04 13.05
C ALA C 269 19.73 -27.28 12.29
N ASP C 270 19.58 -25.97 12.13
CA ASP C 270 20.56 -25.11 11.48
C ASP C 270 21.25 -24.29 12.57
N GLU C 271 22.49 -24.68 12.90
CA GLU C 271 23.29 -23.89 13.83
C GLU C 271 23.75 -22.58 13.22
N ARG C 272 23.56 -22.39 11.92
CA ARG C 272 23.86 -21.13 11.27
C ARG C 272 22.88 -20.03 11.65
N ILE C 273 21.74 -20.39 12.26
CA ILE C 273 20.74 -19.44 12.69
C ILE C 273 20.67 -19.53 14.21
N VAL C 274 21.19 -18.52 14.89
CA VAL C 274 21.20 -18.54 16.35
C VAL C 274 19.84 -18.13 16.91
N ALA C 275 19.17 -17.16 16.26
CA ALA C 275 17.87 -16.71 16.69
C ALA C 275 16.99 -16.47 15.46
N TYR C 276 15.68 -16.65 15.65
CA TYR C 276 14.74 -16.49 14.54
C TYR C 276 13.38 -16.05 15.07
N VAL C 277 12.60 -15.40 14.21
CA VAL C 277 11.23 -14.99 14.51
C VAL C 277 10.38 -15.44 13.33
N LEU C 278 9.63 -16.54 13.51
CA LEU C 278 8.83 -17.12 12.45
C LEU C 278 7.42 -16.57 12.48
N GLU C 279 6.83 -16.38 11.30
CA GLU C 279 5.48 -15.85 11.17
C GLU C 279 4.83 -16.47 9.94
N ALA C 280 3.50 -16.60 9.99
CA ALA C 280 2.76 -17.20 8.89
C ALA C 280 1.37 -16.59 8.83
N GLU C 281 1.00 -16.08 7.66
CA GLU C 281 -0.37 -15.52 7.46
C GLU C 281 -1.11 -16.39 6.45
N ASN C 282 -2.39 -16.65 6.69
CA ASN C 282 -3.20 -17.50 5.79
C ASN C 282 -4.27 -16.51 5.36
N PHE C 283 -4.33 -16.19 4.07
CA PHE C 283 -5.41 -15.37 3.48
C PHE C 283 -6.63 -16.26 3.25
N GLU C 284 -7.40 -16.51 4.30
CA GLU C 284 -8.54 -17.46 4.22
C GLU C 284 -9.42 -17.24 3.01
N SER C 285 -9.85 -18.33 2.36
CA SER C 285 -10.73 -18.27 1.17
C SER C 285 -12.15 -18.07 1.65
N ILE C 286 -12.49 -18.57 2.84
CA ILE C 286 -13.85 -18.51 3.43
C ILE C 286 -14.08 -17.22 4.22
N HIS C 287 -13.05 -16.41 4.41
CA HIS C 287 -13.16 -15.17 5.23
C HIS C 287 -12.34 -14.04 4.61
N ASN C 288 -12.66 -12.78 4.92
CA ASN C 288 -11.82 -11.66 4.43
C ASN C 288 -10.71 -11.46 5.45
N HIS C 289 -10.87 -12.01 6.64
CA HIS C 289 -9.77 -11.97 7.65
C HIS C 289 -8.72 -13.02 7.30
N SER C 290 -7.52 -12.83 7.83
CA SER C 290 -6.42 -13.80 7.63
C SER C 290 -6.09 -14.45 8.96
N ALA C 291 -5.40 -15.60 8.97
CA ALA C 291 -4.93 -16.24 10.21
C ALA C 291 -3.43 -15.97 10.44
N TYR C 292 -2.93 -16.06 11.69
CA TYR C 292 -1.56 -15.67 11.97
C TYR C 292 -1.01 -16.52 13.11
N ALA C 293 0.28 -16.85 13.01
CA ALA C 293 1.00 -17.57 14.05
C ALA C 293 2.44 -17.06 14.07
N LEU C 294 3.00 -16.93 15.27
CA LEU C 294 4.34 -16.38 15.43
C LEU C 294 5.13 -17.18 16.46
N ILE C 295 6.41 -17.38 16.19
CA ILE C 295 7.31 -18.08 17.10
C ILE C 295 8.64 -17.35 17.13
N GLU C 296 9.18 -17.17 18.33
CA GLU C 296 10.43 -16.44 18.53
C GLU C 296 11.39 -17.30 19.35
N ARG C 297 12.69 -17.09 19.14
CA ARG C 297 13.67 -17.95 19.84
C ARG C 297 15.07 -17.34 19.90
N ASP C 298 15.60 -17.08 21.11
CA ASP C 298 17.03 -16.67 21.26
C ASP C 298 17.69 -17.92 21.80
N LYS C 299 18.34 -18.71 20.95
CA LYS C 299 18.85 -20.04 21.39
C LYS C 299 19.84 -19.94 22.56
N ARG C 300 20.28 -18.73 22.90
CA ARG C 300 21.29 -18.58 23.97
C ARG C 300 20.60 -18.59 25.35
N ARG C 301 19.27 -18.53 25.38
CA ARG C 301 18.55 -18.42 26.67
C ARG C 301 18.30 -19.81 27.26
N GLN D 55 -3.45 30.14 -20.37
CA GLN D 55 -4.74 30.25 -21.07
C GLN D 55 -5.23 28.89 -21.54
N MET D 56 -5.33 27.94 -20.60
CA MET D 56 -5.72 26.57 -20.93
C MET D 56 -6.72 26.06 -19.90
N PRO D 57 -7.81 25.43 -20.33
CA PRO D 57 -8.77 24.88 -19.37
C PRO D 57 -8.19 23.73 -18.56
N ILE D 58 -7.99 23.95 -17.25
CA ILE D 58 -7.57 22.87 -16.36
C ILE D 58 -8.80 22.01 -16.06
N GLN D 59 -8.86 20.82 -16.66
CA GLN D 59 -10.07 20.00 -16.61
C GLN D 59 -10.67 19.92 -15.21
N ARG D 60 -9.90 19.52 -14.20
CA ARG D 60 -10.44 19.50 -12.85
C ARG D 60 -9.31 19.75 -11.87
N VAL D 61 -9.45 20.79 -11.05
CA VAL D 61 -8.47 21.15 -10.03
C VAL D 61 -9.17 21.24 -8.68
N GLY D 62 -8.55 20.67 -7.66
CA GLY D 62 -9.16 20.69 -6.33
C GLY D 62 -8.35 19.88 -5.32
N VAL D 63 -9.03 19.45 -4.27
CA VAL D 63 -8.39 18.73 -3.17
C VAL D 63 -8.48 17.23 -3.41
N ARG D 64 -7.57 16.50 -2.76
CA ARG D 64 -7.56 15.05 -2.83
C ARG D 64 -7.08 14.50 -1.49
N ALA D 65 -7.64 13.36 -1.10
CA ALA D 65 -7.23 12.63 0.10
C ALA D 65 -7.69 13.33 1.38
N VAL D 66 -8.80 14.06 1.32
CA VAL D 66 -9.40 14.65 2.52
C VAL D 66 -10.19 13.56 3.22
N ARG D 67 -9.66 13.06 4.34
CA ARG D 67 -10.34 12.05 5.13
C ARG D 67 -11.23 12.72 6.17
N HIS D 68 -12.50 12.33 6.16
CA HIS D 68 -13.45 12.98 7.07
C HIS D 68 -14.52 11.96 7.46
N PRO D 69 -15.04 12.00 8.69
CA PRO D 69 -16.07 11.07 9.12
C PRO D 69 -17.39 11.29 8.39
N LEU D 70 -18.06 10.19 8.06
CA LEU D 70 -19.37 10.30 7.36
C LEU D 70 -20.38 9.34 7.97
N THR D 71 -21.67 9.70 7.94
CA THR D 71 -22.75 8.80 8.40
C THR D 71 -23.65 8.55 7.20
N VAL D 72 -23.93 7.29 6.89
CA VAL D 72 -24.69 6.96 5.69
C VAL D 72 -25.89 6.11 6.09
N ARG D 73 -27.07 6.48 5.61
CA ARG D 73 -28.25 5.67 5.79
C ARG D 73 -28.20 4.47 4.86
N THR D 74 -28.55 3.30 5.39
CA THR D 74 -28.48 2.07 4.62
C THR D 74 -29.75 1.87 3.81
N ALA D 75 -29.84 0.72 3.14
CA ALA D 75 -31.07 0.38 2.44
C ALA D 75 -32.21 0.14 3.43
N GLU D 76 -31.91 -0.41 4.60
CA GLU D 76 -32.90 -0.64 5.64
C GLU D 76 -33.32 0.65 6.35
N GLY D 77 -32.78 1.78 5.90
CA GLY D 77 -33.06 3.06 6.59
C GLY D 77 -32.09 3.26 7.75
N GLU D 78 -31.49 2.17 8.20
CA GLU D 78 -30.61 2.26 9.38
C GLU D 78 -29.41 3.12 9.00
N THR D 79 -28.61 3.51 9.98
CA THR D 79 -27.46 4.40 9.72
C THR D 79 -26.15 3.62 9.84
N GLN D 80 -25.20 3.92 8.97
CA GLN D 80 -23.86 3.29 9.05
C GLN D 80 -22.84 4.42 9.19
N ALA D 81 -22.13 4.49 10.30
CA ALA D 81 -21.08 5.52 10.44
C ALA D 81 -19.75 4.91 10.00
N THR D 82 -19.12 5.54 9.03
CA THR D 82 -17.85 5.01 8.47
C THR D 82 -16.92 6.20 8.27
N VAL D 83 -15.64 5.95 8.02
CA VAL D 83 -14.72 7.07 7.66
C VAL D 83 -14.41 6.95 6.17
N GLY D 84 -14.65 8.02 5.41
CA GLY D 84 -14.39 8.08 3.98
C GLY D 84 -13.38 9.16 3.64
N THR D 85 -12.53 8.87 2.67
CA THR D 85 -11.61 9.84 2.12
C THR D 85 -12.25 10.53 0.92
N TRP D 86 -12.19 11.85 0.89
CA TRP D 86 -12.90 12.65 -0.11
C TRP D 86 -11.92 13.26 -1.11
N ASN D 87 -12.42 13.47 -2.34
CA ASN D 87 -11.64 14.07 -3.43
C ASN D 87 -12.60 15.04 -4.12
N LEU D 88 -12.53 16.32 -3.72
CA LEU D 88 -13.42 17.36 -4.23
C LEU D 88 -12.62 18.31 -5.12
N ASP D 89 -13.08 18.48 -6.36
CA ASP D 89 -12.36 19.30 -7.33
C ASP D 89 -13.33 20.10 -8.19
N VAL D 90 -12.81 21.17 -8.80
CA VAL D 90 -13.56 22.06 -9.68
C VAL D 90 -12.76 22.25 -10.96
N HIS D 91 -13.38 22.91 -11.93
CA HIS D 91 -12.76 23.17 -13.23
C HIS D 91 -12.41 24.65 -13.37
N LEU D 92 -11.22 24.91 -13.88
CA LEU D 92 -10.77 26.28 -14.10
C LEU D 92 -10.82 26.60 -15.59
N PRO D 93 -11.72 27.46 -16.05
CA PRO D 93 -11.74 27.83 -17.47
C PRO D 93 -10.44 28.49 -17.90
N ALA D 94 -10.33 28.73 -19.21
CA ALA D 94 -9.12 29.31 -19.76
C ALA D 94 -8.76 30.62 -19.08
N ASP D 95 -9.77 31.39 -18.66
CA ASP D 95 -9.54 32.71 -18.00
C ASP D 95 -9.16 32.52 -16.53
N GLN D 96 -9.94 31.73 -15.79
CA GLN D 96 -9.67 31.62 -14.32
C GLN D 96 -8.30 31.00 -14.13
N LYS D 97 -7.49 31.58 -13.25
CA LYS D 97 -6.12 31.05 -13.03
C LYS D 97 -5.99 30.35 -11.68
N GLY D 98 -6.93 30.57 -10.77
CA GLY D 98 -6.78 30.03 -9.39
C GLY D 98 -8.08 29.64 -8.74
N THR D 99 -8.03 28.78 -7.73
CA THR D 99 -9.25 28.43 -6.98
C THR D 99 -9.00 28.54 -5.49
N HIS D 100 -10.01 28.95 -4.72
CA HIS D 100 -9.89 29.01 -3.25
C HIS D 100 -10.03 27.59 -2.70
N MET D 101 -8.91 26.87 -2.72
CA MET D 101 -8.90 25.47 -2.26
C MET D 101 -9.57 25.32 -0.91
N SER D 102 -9.45 26.30 -0.03
CA SER D 102 -9.97 26.17 1.33
C SER D 102 -11.46 25.88 1.34
N ARG D 103 -12.18 26.27 0.29
CA ARG D 103 -13.63 26.06 0.27
C ARG D 103 -13.98 24.59 0.43
N PHE D 104 -13.37 23.72 -0.38
CA PHE D 104 -13.64 22.29 -0.30
C PHE D 104 -13.60 21.81 1.15
N VAL D 105 -12.51 22.16 1.85
CA VAL D 105 -12.33 21.72 3.23
C VAL D 105 -13.48 22.21 4.10
N ALA D 106 -13.79 23.51 4.02
CA ALA D 106 -14.89 24.06 4.79
C ALA D 106 -16.18 23.31 4.50
N LEU D 107 -16.58 23.26 3.22
CA LEU D 107 -17.80 22.59 2.81
C LEU D 107 -17.99 21.25 3.51
N LEU D 108 -16.89 20.51 3.67
CA LEU D 108 -16.98 19.18 4.27
C LEU D 108 -17.31 19.26 5.76
N GLU D 109 -16.57 20.08 6.50
CA GLU D 109 -16.77 20.16 7.94
C GLU D 109 -18.02 20.92 8.33
N GLU D 110 -18.43 21.90 7.52
CA GLU D 110 -19.63 22.68 7.79
C GLU D 110 -20.89 22.03 7.23
N ARG D 111 -20.82 20.76 6.84
CA ARG D 111 -21.97 20.04 6.32
C ARG D 111 -22.78 19.43 7.46
N GLY D 112 -23.86 18.75 7.11
CA GLY D 112 -24.72 18.13 8.10
C GLY D 112 -25.85 17.31 7.50
N GLY D 113 -26.08 16.12 8.04
CA GLY D 113 -27.10 15.23 7.55
C GLY D 113 -26.51 13.93 7.04
N PRO D 114 -27.20 12.82 7.31
CA PRO D 114 -26.72 11.52 6.80
C PRO D 114 -26.72 11.51 5.28
N LEU D 115 -25.57 11.20 4.70
CA LEU D 115 -25.45 11.20 3.24
C LEU D 115 -26.49 10.27 2.63
N THR D 116 -27.18 10.78 1.61
CA THR D 116 -28.23 10.02 0.94
C THR D 116 -28.13 10.25 -0.56
N ALA D 117 -28.85 9.43 -1.32
CA ALA D 117 -28.88 9.59 -2.77
C ALA D 117 -29.21 11.04 -3.14
N ASP D 118 -30.20 11.62 -2.47
CA ASP D 118 -30.56 13.01 -2.74
C ASP D 118 -29.54 13.96 -2.11
N ALA D 119 -29.06 13.63 -0.91
CA ALA D 119 -28.14 14.53 -0.22
C ALA D 119 -26.81 14.63 -0.95
N PHE D 120 -26.33 13.51 -1.51
CA PHE D 120 -25.06 13.54 -2.22
C PHE D 120 -25.14 14.43 -3.45
N ARG D 121 -26.21 14.28 -4.22
CA ARG D 121 -26.37 15.13 -5.43
C ARG D 121 -26.40 16.62 -5.04
N THR D 122 -27.02 16.95 -3.92
CA THR D 122 -27.13 18.35 -3.43
C THR D 122 -25.74 18.91 -3.12
N MET D 123 -24.85 18.10 -2.56
CA MET D 123 -23.52 18.60 -2.14
C MET D 123 -22.78 19.08 -3.39
N LEU D 124 -22.93 18.37 -4.50
CA LEU D 124 -22.22 18.76 -5.75
C LEU D 124 -22.72 20.14 -6.15
N ALA D 125 -24.01 20.38 -6.02
CA ALA D 125 -24.61 21.69 -6.35
C ALA D 125 -24.08 22.78 -5.42
N THR D 126 -23.95 22.49 -4.13
CA THR D 126 -23.56 23.52 -3.16
C THR D 126 -22.13 23.96 -3.45
N MET D 127 -21.27 22.99 -3.77
CA MET D 127 -19.89 23.31 -4.08
C MET D 127 -19.79 24.27 -5.27
N LEU D 128 -20.55 23.98 -6.33
CA LEU D 128 -20.46 24.79 -7.54
C LEU D 128 -20.67 26.27 -7.25
N GLU D 129 -21.48 26.59 -6.25
CA GLU D 129 -21.67 27.99 -5.86
C GLU D 129 -20.57 28.46 -4.93
N LYS D 130 -20.15 27.62 -3.99
CA LYS D 130 -19.14 28.04 -3.00
C LYS D 130 -17.77 28.15 -3.69
N LEU D 131 -17.67 27.66 -4.91
CA LEU D 131 -16.35 27.65 -5.59
C LEU D 131 -16.46 28.38 -6.93
N GLU D 132 -17.56 29.09 -7.14
CA GLU D 132 -17.78 29.85 -8.40
C GLU D 132 -17.46 28.93 -9.57
N ALA D 133 -18.27 27.92 -9.78
CA ALA D 133 -17.90 26.97 -10.84
C ALA D 133 -19.11 26.40 -11.57
N ARG D 134 -18.91 25.90 -12.78
CA ARG D 134 -19.99 25.27 -13.53
C ARG D 134 -19.75 23.77 -13.55
N ALA D 135 -18.49 23.36 -13.38
CA ALA D 135 -18.15 21.94 -13.41
C ALA D 135 -17.34 21.51 -12.18
N GLY D 136 -17.68 20.38 -11.54
CA GLY D 136 -16.88 19.84 -10.43
C GLY D 136 -17.08 18.34 -10.23
N ARG D 137 -16.15 17.64 -9.56
CA ARG D 137 -16.37 16.20 -9.22
C ARG D 137 -16.18 15.94 -7.72
N ILE D 138 -17.10 15.20 -7.11
CA ILE D 138 -17.01 14.85 -5.66
C ILE D 138 -16.96 13.32 -5.55
N GLU D 139 -15.95 12.80 -4.88
CA GLU D 139 -15.74 11.36 -4.74
C GLU D 139 -15.54 11.00 -3.27
N VAL D 140 -16.27 10.01 -2.80
CA VAL D 140 -16.14 9.51 -1.43
C VAL D 140 -15.94 8.01 -1.48
N SER D 141 -14.87 7.54 -0.85
CA SER D 141 -14.55 6.12 -0.75
C SER D 141 -14.57 5.72 0.72
N PHE D 142 -15.46 4.78 1.06
CA PHE D 142 -15.63 4.44 2.48
C PHE D 142 -15.89 2.95 2.70
N PRO D 143 -15.38 2.36 3.78
CA PRO D 143 -15.72 0.99 4.11
C PRO D 143 -17.19 0.88 4.52
N TYR D 144 -17.87 -0.20 4.14
CA TYR D 144 -19.31 -0.40 4.46
C TYR D 144 -19.50 -1.82 4.97
N PHE D 145 -20.48 -2.04 5.83
CA PHE D 145 -20.65 -3.37 6.45
C PHE D 145 -22.11 -3.84 6.41
N VAL D 146 -22.33 -5.16 6.30
CA VAL D 146 -23.70 -5.75 6.31
C VAL D 146 -23.70 -6.92 7.28
N ASN D 147 -24.83 -7.20 7.94
CA ASN D 147 -24.92 -8.33 8.91
C ASN D 147 -25.22 -9.61 8.16
N LYS D 148 -24.19 -10.43 7.97
CA LYS D 148 -24.32 -11.67 7.22
C LYS D 148 -24.51 -12.84 8.18
N THR D 149 -25.57 -13.63 7.95
CA THR D 149 -25.94 -14.73 8.83
C THR D 149 -25.39 -16.04 8.27
N ALA D 150 -24.82 -16.86 9.16
CA ALA D 150 -24.12 -18.06 8.74
C ALA D 150 -25.07 -19.06 8.08
N PRO D 151 -24.53 -19.94 7.22
CA PRO D 151 -25.42 -20.79 6.42
C PRO D 151 -26.19 -21.84 7.22
N VAL D 152 -25.58 -22.44 8.24
CA VAL D 152 -26.17 -23.57 8.96
C VAL D 152 -26.44 -23.24 10.42
N SER D 153 -25.57 -22.47 11.06
CA SER D 153 -25.74 -22.12 12.46
C SER D 153 -26.49 -20.81 12.68
N GLY D 154 -26.76 -20.06 11.61
CA GLY D 154 -27.51 -18.84 11.72
C GLY D 154 -26.83 -17.76 12.55
N VAL D 155 -25.56 -17.97 12.92
CA VAL D 155 -24.83 -16.97 13.68
C VAL D 155 -24.47 -15.82 12.76
N ARG D 156 -24.85 -14.61 13.15
CA ARG D 156 -24.68 -13.43 12.31
C ARG D 156 -23.32 -12.77 12.58
N SER D 157 -22.78 -12.13 11.55
CA SER D 157 -21.51 -11.45 11.66
C SER D 157 -21.36 -10.45 10.53
N LEU D 158 -20.57 -9.41 10.78
CA LEU D 158 -20.37 -8.32 9.84
C LEU D 158 -19.26 -8.64 8.85
N LEU D 159 -19.46 -8.21 7.60
CA LEU D 159 -18.46 -8.35 6.54
C LEU D 159 -18.12 -6.98 5.98
N ASP D 160 -16.86 -6.81 5.56
CA ASP D 160 -16.40 -5.53 5.06
C ASP D 160 -16.57 -5.43 3.54
N TYR D 161 -16.94 -4.24 3.08
CA TYR D 161 -17.14 -3.97 1.66
C TYR D 161 -16.69 -2.54 1.38
N GLU D 162 -15.65 -2.37 0.56
CA GLU D 162 -15.26 -1.02 0.16
C GLU D 162 -16.26 -0.46 -0.83
N VAL D 163 -16.85 0.68 -0.51
CA VAL D 163 -17.86 1.32 -1.35
C VAL D 163 -17.34 2.70 -1.74
N THR D 164 -17.19 2.94 -3.04
CA THR D 164 -16.80 4.24 -3.57
C THR D 164 -17.99 4.85 -4.29
N LEU D 165 -18.29 6.11 -3.96
CA LEU D 165 -19.41 6.83 -4.56
C LEU D 165 -18.86 8.03 -5.31
N THR D 166 -19.11 8.07 -6.62
CA THR D 166 -18.63 9.15 -7.48
C THR D 166 -19.80 9.98 -7.97
N GLY D 167 -19.62 11.30 -7.96
CA GLY D 167 -20.66 12.24 -8.41
C GLY D 167 -20.06 13.34 -9.25
N ASP D 168 -20.46 13.43 -10.52
CA ASP D 168 -19.86 14.43 -11.45
C ASP D 168 -20.95 15.33 -12.03
N VAL D 169 -20.64 16.62 -12.17
CA VAL D 169 -21.64 17.59 -12.70
C VAL D 169 -20.94 18.40 -13.77
N ARG D 170 -20.71 17.80 -14.94
CA ARG D 170 -20.10 18.57 -16.04
C ARG D 170 -21.15 18.71 -17.15
N ASP D 171 -21.40 19.94 -17.62
CA ASP D 171 -22.39 20.19 -18.71
C ASP D 171 -23.06 18.89 -19.14
N LEU D 173 -26.30 17.91 -17.14
CA LEU D 173 -26.13 16.43 -17.04
C LEU D 173 -25.30 16.09 -15.80
N THR D 174 -25.95 15.55 -14.77
CA THR D 174 -25.25 15.16 -13.53
C THR D 174 -25.18 13.64 -13.52
N ARG D 175 -24.00 13.09 -13.78
CA ARG D 175 -23.88 11.62 -13.88
C ARG D 175 -23.46 11.14 -12.51
N VAL D 176 -24.13 10.10 -12.03
CA VAL D 176 -23.80 9.56 -10.67
C VAL D 176 -23.37 8.11 -10.80
N PHE D 177 -22.41 7.65 -10.00
CA PHE D 177 -21.86 6.31 -10.13
C PHE D 177 -21.77 5.64 -8.76
N ALA D 178 -21.54 4.34 -8.78
CA ALA D 178 -21.42 3.55 -7.56
C ALA D 178 -20.44 2.41 -7.77
N LYS D 179 -19.45 2.30 -6.90
CA LYS D 179 -18.42 1.27 -6.97
C LYS D 179 -18.55 0.33 -5.78
N VAL D 180 -18.52 -0.97 -6.05
CA VAL D 180 -18.61 -2.00 -5.02
C VAL D 180 -17.45 -2.98 -5.20
N LEU D 181 -16.76 -3.28 -4.11
CA LEU D 181 -15.68 -4.27 -4.09
C LEU D 181 -16.16 -5.46 -3.28
N VAL D 182 -16.52 -6.54 -3.96
CA VAL D 182 -17.12 -7.72 -3.33
C VAL D 182 -16.03 -8.77 -3.14
N PRO D 183 -15.62 -9.06 -1.91
CA PRO D 183 -14.70 -10.20 -1.69
C PRO D 183 -15.48 -11.50 -1.71
N VAL D 184 -14.96 -12.47 -2.45
CA VAL D 184 -15.71 -13.73 -2.62
C VAL D 184 -14.71 -14.88 -2.72
N THR D 185 -15.21 -16.10 -2.77
CA THR D 185 -14.34 -17.28 -2.92
C THR D 185 -14.42 -17.71 -4.38
N SER D 186 -13.30 -18.12 -4.96
CA SER D 186 -13.27 -18.55 -6.37
C SER D 186 -12.91 -20.04 -6.40
N LEU D 187 -13.38 -20.79 -7.40
CA LEU D 187 -12.95 -22.21 -7.57
C LEU D 187 -12.98 -22.60 -9.06
N CYS D 188 -11.59 -23.14 -9.19
CA CYS D 188 -11.24 -23.36 -10.45
C CYS D 188 -11.95 -24.57 -10.83
N PRO D 189 -12.50 -24.58 -12.06
CA PRO D 189 -13.20 -25.77 -12.56
C PRO D 189 -12.25 -26.80 -13.20
N SNC D 190 -10.96 -26.54 -13.17
CA SNC D 190 -10.00 -27.46 -13.83
CB SNC D 190 -9.24 -26.79 -14.96
C SNC D 190 -8.99 -27.98 -12.80
O SNC D 190 -7.83 -28.16 -13.18
N SER D 191 -9.41 -28.14 -11.56
CA SER D 191 -8.51 -28.79 -10.57
C SER D 191 -9.25 -30.05 -10.14
N LYS D 192 -10.58 -29.95 -10.14
CA LYS D 192 -11.41 -31.12 -9.77
C LYS D 192 -11.22 -32.19 -10.84
N LYS D 193 -11.45 -31.84 -12.10
CA LYS D 193 -11.42 -32.89 -13.16
C LYS D 193 -10.02 -33.38 -13.50
N ILE D 194 -8.97 -32.72 -13.02
CA ILE D 194 -7.59 -33.11 -13.42
C ILE D 194 -7.01 -34.01 -12.32
N GLN D 196 -9.50 -35.22 -9.47
CA GLN D 196 -10.05 -36.25 -8.54
C GLN D 196 -10.47 -35.58 -7.24
N TYR D 197 -10.17 -36.20 -6.12
CA TYR D 197 -10.48 -35.60 -4.81
C TYR D 197 -9.54 -34.41 -4.65
N GLY D 198 -10.02 -33.22 -5.01
CA GLY D 198 -9.13 -32.05 -4.95
C GLY D 198 -9.60 -30.88 -5.79
N ALA D 199 -9.49 -29.67 -5.25
CA ALA D 199 -9.79 -28.47 -6.03
C ALA D 199 -8.84 -27.37 -5.58
N HIS D 200 -8.54 -26.42 -6.46
CA HIS D 200 -7.72 -25.26 -6.03
C HIS D 200 -8.70 -24.10 -5.91
N ASN D 201 -8.79 -23.49 -4.75
CA ASN D 201 -9.76 -22.39 -4.51
C ASN D 201 -9.02 -21.28 -3.77
N GLN D 202 -9.52 -20.06 -3.89
CA GLN D 202 -8.89 -18.93 -3.19
C GLN D 202 -9.91 -17.83 -3.06
N ARG D 203 -9.45 -16.67 -2.60
CA ARG D 203 -10.31 -15.52 -2.45
C ARG D 203 -10.27 -14.69 -3.73
N SER D 204 -11.33 -13.93 -3.96
CA SER D 204 -11.46 -13.15 -5.18
C SER D 204 -12.05 -11.78 -4.86
N HIS D 205 -11.82 -10.84 -5.77
CA HIS D 205 -12.30 -9.47 -5.61
C HIS D 205 -13.14 -9.10 -6.84
N VAL D 206 -14.43 -8.88 -6.62
CA VAL D 206 -15.35 -8.48 -7.68
C VAL D 206 -15.59 -6.98 -7.54
N THR D 207 -15.16 -6.20 -8.53
CA THR D 207 -15.30 -4.76 -8.53
C THR D 207 -16.39 -4.38 -9.54
N ILE D 208 -17.40 -3.65 -9.08
CA ILE D 208 -18.56 -3.30 -9.89
C ILE D 208 -18.72 -1.78 -9.83
N ASP D 209 -18.27 -1.09 -10.88
CA ASP D 209 -18.48 0.34 -11.02
C ASP D 209 -19.69 0.55 -11.94
N ALA D 210 -20.76 1.11 -11.40
CA ALA D 210 -22.03 1.22 -12.11
C ALA D 210 -22.49 2.68 -12.13
N GLU D 211 -22.79 3.17 -13.34
CA GLU D 211 -23.40 4.48 -13.49
C GLU D 211 -24.90 4.38 -13.20
N LEU D 212 -25.38 5.21 -12.27
CA LEU D 212 -26.73 5.10 -11.76
C LEU D 212 -27.70 5.93 -12.60
N ALA D 213 -28.78 5.30 -13.05
CA ALA D 213 -29.90 5.99 -13.66
C ALA D 213 -31.01 6.28 -12.67
N ALA D 214 -31.11 5.47 -11.61
CA ALA D 214 -31.99 5.71 -10.48
C ALA D 214 -31.24 5.29 -9.23
N ASP D 215 -31.90 5.40 -8.07
CA ASP D 215 -31.27 5.00 -6.83
C ASP D 215 -31.02 3.50 -6.82
N VAL D 216 -29.79 3.10 -6.50
CA VAL D 216 -29.42 1.69 -6.44
C VAL D 216 -28.64 1.43 -5.16
N PRO D 217 -29.25 0.82 -4.15
CA PRO D 217 -28.48 0.47 -2.95
C PRO D 217 -27.40 -0.54 -3.26
N VAL D 218 -26.16 -0.23 -2.82
CA VAL D 218 -25.04 -1.12 -3.06
C VAL D 218 -25.40 -2.56 -2.74
N GLU D 219 -26.18 -2.75 -1.67
CA GLU D 219 -26.62 -4.09 -1.27
C GLU D 219 -27.23 -4.86 -2.44
N ASP D 220 -27.80 -4.15 -3.41
CA ASP D 220 -28.37 -4.80 -4.59
C ASP D 220 -27.31 -5.31 -5.54
N LEU D 221 -26.09 -4.75 -5.49
CA LEU D 221 -24.99 -5.24 -6.30
C LEU D 221 -24.17 -6.31 -5.59
N ILE D 222 -24.08 -6.23 -4.26
CA ILE D 222 -23.37 -7.26 -3.50
C ILE D 222 -24.03 -8.61 -3.68
N ARG D 223 -25.34 -8.68 -3.40
CA ARG D 223 -26.08 -9.92 -3.55
C ARG D 223 -25.76 -10.61 -4.88
N ILE D 224 -25.91 -9.88 -5.98
CA ILE D 224 -25.62 -10.45 -7.30
C ILE D 224 -24.23 -11.09 -7.31
N ALA D 225 -23.21 -10.31 -6.98
CA ALA D 225 -21.85 -10.84 -6.95
C ALA D 225 -21.75 -12.04 -6.02
N GLU D 226 -22.18 -11.86 -4.76
CA GLU D 226 -22.12 -12.96 -3.80
C GLU D 226 -22.85 -14.18 -4.32
N GLU D 227 -23.96 -13.97 -5.03
CA GLU D 227 -24.73 -15.09 -5.56
C GLU D 227 -24.10 -15.69 -6.82
N GLU D 228 -23.35 -14.90 -7.57
CA GLU D 228 -22.76 -15.36 -8.81
C GLU D 228 -21.35 -15.90 -8.63
N ALA D 229 -20.83 -15.93 -7.41
CA ALA D 229 -19.57 -16.58 -7.10
C ALA D 229 -19.82 -17.99 -6.60
N SER D 230 -18.76 -18.81 -6.60
CA SER D 230 -18.89 -20.16 -6.09
C SER D 230 -19.39 -20.16 -4.65
N CYS D 231 -18.96 -19.19 -3.85
CA CYS D 231 -19.39 -19.05 -2.48
C CYS D 231 -19.14 -17.62 -2.03
N GLU D 232 -20.05 -17.08 -1.22
CA GLU D 232 -19.84 -15.78 -0.62
C GLU D 232 -18.93 -15.91 0.61
N LEU D 233 -18.65 -14.79 1.26
CA LEU D 233 -17.69 -14.75 2.35
C LEU D 233 -18.38 -14.50 3.67
N TRP D 234 -17.85 -15.09 4.74
CA TRP D 234 -18.39 -14.96 6.08
C TRP D 234 -17.24 -14.79 7.06
N GLY D 235 -17.50 -14.04 8.13
CA GLY D 235 -16.48 -13.79 9.14
C GLY D 235 -16.54 -14.77 10.30
N LEU D 236 -17.75 -14.97 10.81
CA LEU D 236 -17.95 -15.96 11.90
C LEU D 236 -18.59 -17.17 11.26
N LEU D 237 -17.82 -18.24 11.16
CA LEU D 237 -18.32 -19.49 10.55
C LEU D 237 -17.95 -20.63 11.51
N LYS D 238 -18.94 -21.41 11.91
CA LYS D 238 -18.69 -22.48 12.89
C LYS D 238 -18.47 -23.79 12.14
N ARG D 239 -18.06 -24.84 12.85
CA ARG D 239 -17.75 -26.12 12.21
C ARG D 239 -18.87 -26.60 11.29
N PRO D 240 -20.13 -26.58 11.70
CA PRO D 240 -21.21 -27.00 10.78
C PRO D 240 -21.26 -26.16 9.51
N ASP D 241 -20.91 -24.88 9.60
CA ASP D 241 -20.99 -23.98 8.45
C ASP D 241 -19.75 -24.03 7.57
N GLU D 242 -18.60 -24.44 8.11
CA GLU D 242 -17.37 -24.59 7.34
C GLU D 242 -17.35 -25.84 6.47
N LYS D 243 -18.45 -26.59 6.44
CA LYS D 243 -18.57 -27.74 5.55
C LYS D 243 -19.46 -27.46 4.35
N PHE D 244 -20.48 -26.61 4.49
CA PHE D 244 -21.28 -26.19 3.35
C PHE D 244 -20.51 -25.22 2.46
N VAL D 245 -19.59 -24.44 3.05
CA VAL D 245 -18.79 -23.51 2.26
C VAL D 245 -17.68 -24.24 1.52
N THR D 246 -17.20 -25.37 2.05
CA THR D 246 -16.15 -26.13 1.39
C THR D 246 -16.70 -27.08 0.34
N GLU D 247 -17.99 -27.39 0.39
CA GLU D 247 -18.62 -28.32 -0.53
C GLU D 247 -19.24 -27.62 -1.73
N ARG D 248 -20.00 -26.57 -1.47
CA ARG D 248 -20.67 -25.87 -2.59
C ARG D 248 -19.61 -25.30 -3.53
N ALA D 249 -18.42 -24.96 -3.03
CA ALA D 249 -17.34 -24.48 -3.92
C ALA D 249 -16.99 -25.59 -4.92
N TYR D 250 -16.85 -26.82 -4.45
CA TYR D 250 -16.63 -27.98 -5.36
C TYR D 250 -17.86 -28.12 -6.24
N GLU D 251 -19.05 -27.91 -5.68
CA GLU D 251 -20.34 -28.08 -6.41
C GLU D 251 -20.55 -27.01 -7.50
N ASN D 252 -20.24 -25.75 -7.22
CA ASN D 252 -20.47 -24.67 -8.21
C ASN D 252 -19.13 -24.06 -8.61
N PRO D 253 -18.21 -24.83 -9.23
CA PRO D 253 -16.94 -24.27 -9.62
C PRO D 253 -17.23 -23.25 -10.73
N LYS D 254 -16.34 -22.28 -10.90
CA LYS D 254 -16.55 -21.19 -11.86
C LYS D 254 -15.21 -20.56 -12.21
N PHE D 255 -14.99 -20.35 -13.50
CA PHE D 255 -13.80 -19.67 -13.99
C PHE D 255 -13.97 -18.16 -13.84
N VAL D 256 -12.85 -17.43 -13.94
CA VAL D 256 -12.93 -15.97 -13.81
C VAL D 256 -13.81 -15.40 -14.91
N GLU D 257 -13.83 -16.04 -16.08
CA GLU D 257 -14.72 -15.62 -17.16
C GLU D 257 -16.14 -16.11 -16.93
N ASP D 258 -16.28 -17.38 -16.50
CA ASP D 258 -17.61 -17.90 -16.18
C ASP D 258 -18.30 -17.05 -15.13
N LEU D 259 -17.53 -16.35 -14.30
CA LEU D 259 -18.11 -15.53 -13.23
C LEU D 259 -18.54 -14.17 -13.74
N VAL D 260 -17.59 -13.41 -14.31
CA VAL D 260 -17.89 -12.05 -14.76
C VAL D 260 -19.11 -12.06 -15.67
N ARG D 261 -19.19 -13.03 -16.58
CA ARG D 261 -20.31 -13.07 -17.51
C ARG D 261 -21.63 -13.25 -16.78
N ASP D 262 -21.63 -14.09 -15.74
CA ASP D 262 -22.86 -14.32 -14.98
C ASP D 262 -23.30 -13.08 -14.22
N VAL D 263 -22.34 -12.26 -13.77
CA VAL D 263 -22.68 -11.08 -12.98
C VAL D 263 -23.23 -9.98 -13.88
N ALA D 264 -22.52 -9.68 -14.97
CA ALA D 264 -22.92 -8.57 -15.85
C ALA D 264 -24.33 -8.81 -16.39
N ARG D 265 -24.79 -10.05 -16.40
CA ARG D 265 -26.09 -10.37 -17.03
C ARG D 265 -27.20 -9.62 -16.29
N ARG D 266 -27.13 -9.57 -14.98
CA ARG D 266 -28.24 -8.94 -14.21
C ARG D 266 -27.99 -7.44 -14.12
N LEU D 267 -26.77 -7.00 -14.44
CA LEU D 267 -26.49 -5.57 -14.42
C LEU D 267 -27.19 -4.85 -15.57
N ASP D 268 -27.18 -5.45 -16.75
CA ASP D 268 -27.91 -4.90 -17.88
C ASP D 268 -29.41 -5.11 -17.73
N ALA D 269 -29.81 -5.99 -16.82
CA ALA D 269 -31.26 -6.20 -16.56
C ALA D 269 -31.72 -5.27 -15.43
N ASP D 270 -30.82 -4.87 -14.54
CA ASP D 270 -31.19 -3.99 -13.41
C ASP D 270 -31.87 -2.76 -13.99
N GLU D 271 -31.46 -2.32 -15.17
CA GLU D 271 -32.14 -1.19 -15.88
C GLU D 271 -32.02 0.13 -15.11
N ARG D 272 -31.52 0.10 -13.88
CA ARG D 272 -31.28 1.36 -13.15
C ARG D 272 -29.78 1.66 -13.26
N ILE D 273 -29.05 0.83 -14.01
CA ILE D 273 -27.62 1.04 -14.20
C ILE D 273 -27.41 1.40 -15.66
N VAL D 274 -27.15 2.68 -15.93
CA VAL D 274 -26.99 3.12 -17.31
C VAL D 274 -25.75 2.51 -17.94
N ALA D 275 -24.67 2.38 -17.15
CA ALA D 275 -23.44 1.79 -17.64
C ALA D 275 -22.71 1.15 -16.47
N TYR D 276 -21.78 0.25 -16.80
CA TYR D 276 -21.09 -0.49 -15.74
C TYR D 276 -19.77 -1.03 -16.28
N VAL D 277 -18.81 -1.18 -15.37
CA VAL D 277 -17.50 -1.80 -15.69
C VAL D 277 -17.28 -2.81 -14.57
N LEU D 278 -17.16 -4.08 -14.91
CA LEU D 278 -17.07 -5.12 -13.86
C LEU D 278 -15.71 -5.78 -13.92
N GLU D 279 -15.04 -5.88 -12.77
CA GLU D 279 -13.73 -6.55 -12.72
C GLU D 279 -13.80 -7.73 -11.76
N ALA D 280 -12.87 -8.67 -11.90
CA ALA D 280 -12.75 -9.83 -11.03
C ALA D 280 -11.31 -10.29 -11.01
N GLU D 281 -10.75 -10.44 -9.81
CA GLU D 281 -9.37 -10.89 -9.62
C GLU D 281 -9.36 -12.16 -8.79
N ASN D 282 -8.67 -13.20 -9.28
CA ASN D 282 -8.55 -14.44 -8.54
C ASN D 282 -7.13 -14.28 -7.94
N PHE D 283 -7.03 -14.28 -6.64
CA PHE D 283 -5.72 -14.34 -5.94
C PHE D 283 -5.30 -15.82 -5.86
N GLU D 284 -4.92 -16.37 -7.01
CA GLU D 284 -4.59 -17.81 -7.11
C GLU D 284 -3.73 -18.29 -5.94
N SER D 285 -4.03 -19.49 -5.45
CA SER D 285 -3.30 -20.09 -4.31
C SER D 285 -2.13 -20.93 -4.81
N ILE D 286 -2.04 -21.15 -6.12
CA ILE D 286 -1.00 -22.03 -6.71
C ILE D 286 0.01 -21.17 -7.47
N HIS D 287 -0.16 -19.85 -7.41
CA HIS D 287 0.77 -18.91 -8.09
C HIS D 287 0.91 -17.64 -7.26
N ASN D 288 1.85 -16.76 -7.61
CA ASN D 288 2.00 -15.44 -6.93
C ASN D 288 1.41 -14.37 -7.85
N HIS D 289 0.68 -14.79 -8.89
CA HIS D 289 0.05 -13.84 -9.84
C HIS D 289 -1.48 -13.95 -9.76
N SER D 290 -2.21 -12.91 -10.17
CA SER D 290 -3.68 -12.88 -10.01
C SER D 290 -4.39 -12.90 -11.35
N ALA D 291 -5.43 -13.72 -11.49
CA ALA D 291 -6.23 -13.83 -12.74
C ALA D 291 -7.22 -12.69 -12.84
N TYR D 292 -7.45 -12.17 -14.05
CA TYR D 292 -8.24 -10.96 -14.22
C TYR D 292 -9.24 -11.14 -15.35
N ALA D 293 -10.31 -10.37 -15.29
CA ALA D 293 -11.35 -10.40 -16.32
C ALA D 293 -12.20 -9.15 -16.18
N LEU D 294 -12.19 -8.28 -17.19
CA LEU D 294 -12.97 -7.01 -17.15
C LEU D 294 -13.94 -6.98 -18.31
N ILE D 295 -15.17 -6.54 -18.05
CA ILE D 295 -16.17 -6.41 -19.13
C ILE D 295 -16.78 -5.02 -19.05
N GLU D 296 -16.93 -4.36 -20.19
CA GLU D 296 -17.49 -2.99 -20.23
C GLU D 296 -18.66 -2.94 -21.22
N ARG D 297 -19.84 -2.59 -20.73
CA ARG D 297 -21.02 -2.43 -21.57
C ARG D 297 -21.71 -1.12 -21.20
N ASP D 298 -22.11 -0.37 -22.23
CA ASP D 298 -22.78 0.91 -22.04
C ASP D 298 -24.26 0.86 -22.38
N LYS D 299 -24.62 0.21 -23.50
CA LYS D 299 -26.02 0.03 -23.89
C LYS D 299 -26.73 1.37 -24.05
N ARG D 300 -26.00 2.40 -24.44
CA ARG D 300 -26.57 3.73 -24.60
C ARG D 300 -26.11 4.37 -25.90
MN MN E . 17.70 20.28 4.39
C1 EDO F . 0.36 26.30 22.99
O1 EDO F . 1.71 25.91 22.99
C2 EDO F . -0.55 25.17 22.68
O2 EDO F . -0.44 24.11 23.59
H11 EDO F . 0.23 27.01 22.34
H12 EDO F . 0.13 26.64 23.88
HO1 EDO F . 1.90 25.57 22.23
H21 EDO F . -0.34 24.85 21.78
H22 EDO F . -1.47 25.50 22.68
HO2 EDO F . -0.59 24.39 24.37
S SO3 G . 19.85 17.15 3.48
O1 SO3 G . 20.75 17.29 2.38
O2 SO3 G . 19.39 15.80 3.56
O3 SO3 G . 18.72 18.03 3.29
C2 ZS9 H . -2.69 25.35 -1.77
C3 ZS9 H . -2.56 24.43 -0.57
C4 ZS9 H . -3.42 24.65 0.64
C5 ZS9 H . -3.03 25.83 1.50
C6 ZS9 H . -2.02 26.64 0.67
C7 ZS9 H . -2.68 27.58 -0.34
C8 ZS9 H . -2.97 26.87 -1.68
C9 ZS9 H . -1.65 28.68 -0.49
O11 ZS9 H . -1.11 27.43 1.40
O13 ZS9 H . -0.83 29.60 1.61
C12 ZS9 H . -1.16 28.68 0.89
C14 ZS9 H . -0.55 28.11 -1.33
C15 ZS9 H . -1.44 23.70 -0.58
C16 ZS9 H . -4.95 24.66 0.50
C18 ZS9 H . -4.28 26.61 1.72
C19 ZS9 H . -5.47 25.78 1.37
C20 ZS9 H . -4.50 27.61 2.56
C2 ZS9 I . -8.05 -21.67 9.45
C3 ZS9 I . -8.54 -20.34 8.97
C4 ZS9 I . -9.87 -19.92 9.48
C5 ZS9 I . -10.77 -21.03 9.98
C6 ZS9 I . -11.09 -21.92 8.79
C7 ZS9 I . -10.05 -23.07 8.64
C8 ZS9 I . -8.99 -22.84 9.70
C9 ZS9 I . -10.90 -24.33 8.89
O11 ZS9 I . -12.33 -22.56 8.84
O13 ZS9 I . -12.93 -24.27 7.58
C12 ZS9 I . -12.13 -23.80 8.37
C14 ZS9 I . -10.52 -25.50 8.04
C15 ZS9 I . -8.09 -20.07 7.74
C16 ZS9 I . -10.01 -18.82 10.53
C18 ZS9 I . -11.92 -20.26 10.56
C19 ZS9 I . -11.38 -19.02 11.17
C20 ZS9 I . -13.11 -20.64 10.99
C2 ZS9 J . -7.22 -20.41 -12.55
C3 ZS9 J . -6.10 -20.04 -11.66
C4 ZS9 J . -4.74 -20.01 -12.28
C5 ZS9 J . -4.01 -21.24 -12.82
C6 ZS9 J . -4.78 -22.46 -13.32
C7 ZS9 J . -6.26 -22.38 -13.80
C8 ZS9 J . -6.89 -21.00 -13.89
C9 ZS9 J . -6.96 -23.24 -12.79
O11 ZS9 J . -4.70 -23.59 -12.49
O13 ZS9 J . -5.93 -25.36 -12.16
C12 ZS9 J . -5.89 -24.18 -12.46
C14 ZS9 J . -8.13 -23.92 -13.37
C15 ZS9 J . -6.50 -19.17 -10.71
C16 ZS9 J . -4.22 -18.78 -13.05
C18 ZS9 J . -3.14 -20.76 -13.91
C19 ZS9 J . -3.36 -19.32 -14.20
C20 ZS9 J . -2.43 -21.48 -14.77
C1 EDO K . -16.12 -24.31 18.51
O1 EDO K . -15.43 -23.99 17.31
C2 EDO K . -15.89 -23.32 19.58
O2 EDO K . -16.53 -23.67 20.77
H11 EDO K . -15.82 -25.19 18.82
H12 EDO K . -17.08 -24.35 18.32
HO1 EDO K . -15.61 -24.57 16.73
H21 EDO K . -16.22 -22.44 19.28
H22 EDO K . -14.93 -23.25 19.74
HO2 EDO K . -16.27 -24.44 21.03
#